data_1CZA
#
_entry.id   1CZA
#
_cell.length_a   145.660
_cell.length_b   145.800
_cell.length_c   58.130
_cell.angle_alpha   90.00
_cell.angle_beta   90.00
_cell.angle_gamma   90.00
#
_symmetry.space_group_name_H-M   'P 21 21 2'
#
loop_
_entity.id
_entity.type
_entity.pdbx_description
1 polymer 'HEXOKINASE TYPE I'
2 non-polymer alpha-D-glucopyranose
3 non-polymer 6-O-phosphono-alpha-D-glucopyranose
4 non-polymer "ADENOSINE-5'-DIPHOSPHATE"
5 water water
#
_entity_poly.entity_id   1
_entity_poly.type   'polypeptide(L)'
_entity_poly.pdbx_seq_one_letter_code
;MIAAQLLAYYFTELKDDQVKKIDKYLYAMRLSDETLIDIMTRFRKEMKNGLSRDFNPTATVKMLPTFVRSIPDGSEKGDF
IALDLGGSSFRILRVQVNHEKNQNVHMESEVYDTPENIVHGSGSQLFDHVAECLGDFMEKRKIKDKKLPVGFTFSFPCQQ
SKIDEAILITWTKRFKASGVEGADVVKLLNKAIKKRGDYDANIVAVVNDTVGTMMTCGYDDQHCEVGLIIGTGTNACYME
ELRHIDLVEGDEGRMCINTEWGAFGDDGSLEDIRTEFDRAIDAYSLNPGKQLFEKMVSGMYLGELVRLILVKMAKEGLLF
EGRITPELLTRGKFNTSDVSAIEKNKEGLHNAKEILTRLGVEPSDDDCVSVQHVCTIVSFRSANLVAATLGAILNRLRDN
KGTPRLRTTVGVDGSLYKTHPQYSRRFHKTLRRLVPDSDVRFLLSESGSGKGAAMVTAVAYRLAEQHRQIEETLAHFHLT
KDMLLEVKKRMRAEMELGLRKQTHNNAVVKMLPSFVRRTPDGTENGDFLALDLGGTNFRVLLVKIRSGKKRTVEMHNKIY
AIPIEIMQGTGEELFDHIVSCISDFLDYMGIKGPRMPLGFTFSFPCQQTSLDAGILITWTKGFKATDCVGHDVVTLLRDA
IKRREEFDLDVVAVVNDTVGTMMTCAYEEPTCEVGLIVGTGSNACYMEEMKNVEMVEGDQGQMCINMEWGAFGDNGCLDD
IRTHYDRLVDEYSLNAGKQRYEKMISGMYLGEIVRNILIDFTKKGFLFRGQISETLKTRGIFETKFLSQIESDRLALLQV
RAILQQLGLNSTCDDSILVKTVCGVVSRRAAQLCGAGMAAVVDKIRENRGLDRLNVTVGVDGTLYKLHPHFSRIMHQTVK
ELSPKCNVSFLLSEDGSGKGAALITAVGVRLRTEASS
;
_entity_poly.pdbx_strand_id   N
#
loop_
_chem_comp.id
_chem_comp.type
_chem_comp.name
_chem_comp.formula
ADP non-polymer ADENOSINE-5'-DIPHOSPHATE 'C10 H15 N5 O10 P2'
G6P D-saccharide, alpha linking 6-O-phosphono-alpha-D-glucopyranose 'C6 H13 O9 P'
GLC D-saccharide, alpha linking alpha-D-glucopyranose 'C6 H12 O6'
#
# COMPACT_ATOMS: atom_id res chain seq x y z
N ASP A 16 25.11 19.33 58.68
CA ASP A 16 24.43 20.38 57.85
C ASP A 16 25.47 21.08 56.98
N ASP A 17 26.63 21.45 57.49
CA ASP A 17 27.73 22.10 56.78
C ASP A 17 28.10 21.44 55.46
N GLN A 18 28.73 20.28 55.50
CA GLN A 18 29.17 19.58 54.32
C GLN A 18 28.17 19.54 53.18
N VAL A 19 27.03 18.94 53.47
CA VAL A 19 25.95 18.82 52.50
C VAL A 19 25.54 20.18 51.96
N LYS A 20 25.43 21.18 52.84
CA LYS A 20 25.12 22.54 52.39
C LYS A 20 26.17 23.03 51.41
N LYS A 21 27.44 22.81 51.71
CA LYS A 21 28.52 23.21 50.81
C LYS A 21 28.48 22.40 49.53
N ILE A 22 28.21 21.10 49.62
CA ILE A 22 28.10 20.26 48.42
C ILE A 22 26.94 20.79 47.56
N ASP A 23 25.84 21.18 48.19
CA ASP A 23 24.69 21.75 47.52
C ASP A 23 25.08 23.01 46.74
N LYS A 24 25.96 23.79 47.36
CA LYS A 24 26.40 25.01 46.66
C LYS A 24 27.34 24.61 45.54
N TYR A 25 28.28 23.72 45.75
CA TYR A 25 29.19 23.32 44.68
C TYR A 25 28.46 22.77 43.45
N LEU A 26 27.43 21.96 43.67
CA LEU A 26 26.68 21.33 42.57
C LEU A 26 25.34 21.96 42.39
N TYR A 27 25.24 23.23 42.78
CA TYR A 27 23.98 23.97 42.64
C TYR A 27 23.31 23.87 41.27
N ALA A 28 24.04 23.89 40.16
CA ALA A 28 23.46 23.80 38.81
C ALA A 28 22.79 22.43 38.53
N MET A 29 23.09 21.42 39.32
CA MET A 29 22.52 20.09 39.20
C MET A 29 21.24 19.94 40.02
N ARG A 30 20.91 20.91 40.88
CA ARG A 30 19.77 20.75 41.79
C ARG A 30 18.65 21.50 41.09
N LEU A 31 17.81 20.81 40.31
CA LEU A 31 16.85 21.50 39.50
C LEU A 31 15.57 21.84 40.23
N SER A 32 15.12 23.10 40.14
CA SER A 32 13.88 23.45 40.84
C SER A 32 12.71 23.02 39.96
N ASP A 33 11.49 23.09 40.52
CA ASP A 33 10.33 22.79 39.72
C ASP A 33 10.13 23.77 38.60
N GLU A 34 10.47 25.06 38.83
CA GLU A 34 10.31 26.03 37.72
C GLU A 34 11.18 25.60 36.56
N THR A 35 12.40 25.18 36.83
CA THR A 35 13.29 24.76 35.73
C THR A 35 12.70 23.49 35.11
N LEU A 36 12.22 22.55 35.90
CA LEU A 36 11.66 21.29 35.34
C LEU A 36 10.43 21.53 34.50
N ILE A 37 9.54 22.47 34.87
CA ILE A 37 8.42 22.88 34.03
C ILE A 37 8.93 23.50 32.72
N ASP A 38 10.02 24.29 32.83
CA ASP A 38 10.58 24.87 31.60
C ASP A 38 11.04 23.70 30.71
N ILE A 39 11.79 22.76 31.28
CA ILE A 39 12.27 21.61 30.44
C ILE A 39 11.12 20.82 29.82
N MET A 40 10.06 20.63 30.66
CA MET A 40 8.87 19.92 30.20
C MET A 40 8.27 20.59 28.99
N THR A 41 8.19 21.94 29.04
CA THR A 41 7.63 22.73 27.93
C THR A 41 8.51 22.65 26.70
N ARG A 42 9.84 22.73 26.90
CA ARG A 42 10.74 22.54 25.76
C ARG A 42 10.46 21.20 25.12
N PHE A 43 10.31 20.13 25.90
CA PHE A 43 10.12 18.78 25.34
C PHE A 43 8.76 18.67 24.67
N ARG A 44 7.75 19.41 25.12
CA ARG A 44 6.44 19.42 24.41
C ARG A 44 6.60 19.97 23.02
N LYS A 45 7.42 21.05 22.97
CA LYS A 45 7.69 21.60 21.63
C LYS A 45 8.46 20.64 20.73
N GLU A 46 9.49 19.94 21.27
CA GLU A 46 10.23 18.98 20.42
C GLU A 46 9.39 17.87 19.87
N MET A 47 8.43 17.40 20.74
CA MET A 47 7.58 16.30 20.28
C MET A 47 6.79 16.77 19.06
N LYS A 48 6.25 18.00 19.14
CA LYS A 48 5.50 18.48 17.93
C LYS A 48 6.41 18.68 16.74
N ASN A 49 7.64 19.12 16.90
CA ASN A 49 8.56 19.24 15.78
C ASN A 49 8.87 17.87 15.14
N GLY A 50 9.05 16.86 16.00
CA GLY A 50 9.37 15.52 15.43
C GLY A 50 8.18 14.92 14.72
N LEU A 51 6.95 15.21 15.13
CA LEU A 51 5.82 14.65 14.40
C LEU A 51 5.50 15.44 13.12
N SER A 52 5.94 16.66 13.04
CA SER A 52 5.62 17.52 11.89
C SER A 52 6.33 17.12 10.64
N ARG A 53 5.60 17.08 9.50
CA ARG A 53 6.28 16.77 8.24
C ARG A 53 7.28 17.86 7.93
N ASP A 54 7.03 19.12 8.31
CA ASP A 54 7.94 20.19 7.97
C ASP A 54 9.24 20.17 8.77
N PHE A 55 9.17 19.98 10.10
CA PHE A 55 10.36 20.04 10.92
C PHE A 55 10.98 18.67 11.23
N ASN A 56 10.32 17.60 10.90
CA ASN A 56 10.93 16.29 11.21
C ASN A 56 12.33 16.11 10.72
N PRO A 57 12.73 16.52 9.50
CA PRO A 57 14.09 16.28 9.01
C PRO A 57 15.11 16.93 9.91
N THR A 58 14.77 18.01 10.62
CA THR A 58 15.72 18.67 11.50
C THR A 58 15.26 18.66 12.94
N ALA A 59 14.44 17.65 13.31
CA ALA A 59 13.99 17.58 14.70
C ALA A 59 14.98 16.70 15.50
N THR A 60 15.38 17.13 16.68
CA THR A 60 16.26 16.26 17.47
C THR A 60 15.49 15.10 18.11
N VAL A 61 14.20 15.29 18.36
CA VAL A 61 13.41 14.21 18.99
C VAL A 61 12.63 13.62 17.84
N LYS A 62 13.07 12.43 17.40
CA LYS A 62 12.59 11.88 16.15
C LYS A 62 11.17 11.38 16.11
N MET A 63 10.53 11.07 17.22
CA MET A 63 9.10 10.64 17.20
C MET A 63 8.82 9.63 16.10
N LEU A 64 9.52 8.50 16.13
CA LEU A 64 9.48 7.47 15.11
C LEU A 64 8.26 6.59 15.15
N PRO A 65 7.58 6.44 14.01
CA PRO A 65 6.43 5.53 13.93
C PRO A 65 6.92 4.11 14.17
N THR A 66 6.17 3.33 14.94
CA THR A 66 6.55 1.96 15.26
C THR A 66 5.73 0.90 14.53
N PHE A 67 4.60 1.31 13.96
CA PHE A 67 3.66 0.40 13.33
C PHE A 67 3.03 -0.57 14.31
N VAL A 68 2.94 -0.21 15.60
CA VAL A 68 2.27 -1.00 16.63
C VAL A 68 1.05 -0.12 16.91
N ARG A 69 -0.14 -0.58 16.51
CA ARG A 69 -1.29 0.32 16.60
C ARG A 69 -2.20 0.12 17.79
N SER A 70 -1.87 -0.85 18.63
CA SER A 70 -2.66 -1.13 19.82
C SER A 70 -1.94 -1.96 20.88
N ILE A 71 -2.29 -1.82 22.15
CA ILE A 71 -1.71 -2.69 23.19
C ILE A 71 -2.45 -4.02 23.00
N PRO A 72 -2.04 -5.11 23.59
CA PRO A 72 -2.65 -6.42 23.34
C PRO A 72 -4.12 -6.43 23.69
N ASP A 73 -4.93 -7.22 23.01
CA ASP A 73 -6.36 -7.30 23.26
C ASP A 73 -6.78 -8.68 23.73
N GLY A 74 -5.87 -9.62 23.97
CA GLY A 74 -6.28 -10.91 24.50
C GLY A 74 -6.46 -12.01 23.47
N SER A 75 -6.50 -11.67 22.20
CA SER A 75 -6.64 -12.64 21.11
C SER A 75 -5.30 -13.22 20.71
N GLU A 76 -4.20 -12.73 21.34
CA GLU A 76 -2.92 -13.22 20.89
C GLU A 76 -2.77 -14.67 21.35
N LYS A 77 -2.14 -15.49 20.54
CA LYS A 77 -1.90 -16.87 20.97
C LYS A 77 -0.83 -17.44 20.08
N GLY A 78 0.08 -18.25 20.60
CA GLY A 78 1.08 -18.86 19.73
C GLY A 78 2.33 -19.12 20.55
N ASP A 79 3.33 -19.55 19.87
CA ASP A 79 4.60 -19.99 20.43
C ASP A 79 5.67 -19.25 19.66
N PHE A 80 6.33 -18.35 20.39
CA PHE A 80 7.27 -17.44 19.71
C PHE A 80 8.68 -17.41 20.20
N ILE A 81 9.60 -16.89 19.37
CA ILE A 81 10.96 -16.63 19.80
C ILE A 81 11.17 -15.11 19.90
N ALA A 82 11.78 -14.65 20.98
CA ALA A 82 12.05 -13.20 21.03
C ALA A 82 13.49 -12.93 21.29
N LEU A 83 14.16 -12.15 20.42
CA LEU A 83 15.55 -11.75 20.68
C LEU A 83 15.54 -10.42 21.42
N ASP A 84 16.48 -10.09 22.27
CA ASP A 84 16.45 -8.84 23.03
C ASP A 84 17.88 -8.29 23.07
N LEU A 85 18.18 -7.31 22.21
CA LEU A 85 19.55 -6.79 22.08
C LEU A 85 19.64 -5.28 22.19
N GLY A 86 20.59 -4.75 22.99
CA GLY A 86 20.92 -3.37 23.10
C GLY A 86 20.91 -2.83 24.52
N GLY A 87 20.26 -3.61 25.40
CA GLY A 87 20.28 -3.27 26.84
C GLY A 87 21.50 -3.90 27.50
N SER A 88 21.49 -4.07 28.81
CA SER A 88 22.68 -4.58 29.51
C SER A 88 22.97 -6.04 29.16
N SER A 89 21.96 -6.80 28.78
CA SER A 89 22.14 -8.20 28.45
C SER A 89 21.41 -8.60 27.17
N PHE A 90 22.14 -9.40 26.38
CA PHE A 90 21.55 -9.97 25.16
C PHE A 90 20.72 -11.19 25.55
N ARG A 91 19.39 -11.20 25.44
CA ARG A 91 18.65 -12.40 25.84
C ARG A 91 17.93 -12.96 24.63
N ILE A 92 17.62 -14.26 24.70
CA ILE A 92 16.80 -14.94 23.71
C ILE A 92 15.72 -15.65 24.55
N LEU A 93 14.47 -15.50 24.17
CA LEU A 93 13.38 -16.08 24.93
C LEU A 93 12.47 -16.89 24.02
N ARG A 94 11.82 -17.89 24.61
CA ARG A 94 10.79 -18.63 23.93
C ARG A 94 9.54 -18.23 24.73
N VAL A 95 8.56 -17.65 24.10
CA VAL A 95 7.36 -17.17 24.79
C VAL A 95 6.12 -17.84 24.23
N GLN A 96 5.42 -18.59 25.10
CA GLN A 96 4.13 -19.16 24.66
C GLN A 96 3.03 -18.30 25.27
N VAL A 97 2.03 -17.93 24.49
CA VAL A 97 0.94 -17.08 24.99
C VAL A 97 -0.41 -17.73 24.69
N ASN A 98 -1.17 -17.95 25.77
CA ASN A 98 -2.46 -18.64 25.72
C ASN A 98 -2.35 -19.89 24.86
N HIS A 99 -1.24 -20.60 24.98
CA HIS A 99 -0.91 -21.77 24.20
C HIS A 99 -1.56 -22.99 24.85
N GLU A 100 -2.03 -22.79 26.06
CA GLU A 100 -2.73 -23.69 26.92
C GLU A 100 -3.67 -22.90 27.83
N LYS A 101 -4.80 -23.54 28.14
CA LYS A 101 -5.77 -22.94 29.05
C LYS A 101 -5.18 -22.69 30.45
N ASN A 102 -5.57 -21.56 31.03
CA ASN A 102 -5.18 -21.14 32.35
C ASN A 102 -3.69 -20.89 32.53
N GLN A 103 -3.12 -20.32 31.49
CA GLN A 103 -1.69 -19.99 31.46
C GLN A 103 -1.64 -18.86 30.45
N ASN A 104 -1.63 -17.64 30.97
CA ASN A 104 -1.62 -16.56 29.95
C ASN A 104 -0.35 -16.88 29.17
N VAL A 105 0.77 -16.52 29.80
CA VAL A 105 2.08 -16.69 29.21
C VAL A 105 2.99 -17.67 29.93
N HIS A 106 3.90 -18.28 29.21
CA HIS A 106 4.93 -19.17 29.73
C HIS A 106 6.21 -18.74 29.02
N MET A 107 7.28 -18.46 29.77
CA MET A 107 8.54 -18.07 29.20
C MET A 107 9.72 -18.87 29.67
N GLU A 108 10.72 -18.97 28.79
CA GLU A 108 12.02 -19.53 29.14
C GLU A 108 13.02 -18.55 28.54
N SER A 109 14.20 -18.44 29.14
CA SER A 109 15.16 -17.45 28.63
C SER A 109 16.62 -17.86 28.79
N GLU A 110 17.49 -17.21 28.04
CA GLU A 110 18.93 -17.44 28.19
C GLU A 110 19.67 -16.14 27.92
N VAL A 111 20.69 -15.82 28.69
CA VAL A 111 21.49 -14.62 28.48
C VAL A 111 22.73 -15.07 27.72
N TYR A 112 23.14 -14.36 26.66
CA TYR A 112 24.35 -14.76 25.95
C TYR A 112 25.44 -13.72 26.14
N ASP A 113 26.61 -14.16 26.61
CA ASP A 113 27.72 -13.23 26.81
C ASP A 113 28.05 -12.62 25.47
N THR A 114 28.17 -11.31 25.42
CA THR A 114 28.42 -10.56 24.19
C THR A 114 29.49 -9.54 24.49
N PRO A 115 30.76 -9.92 24.40
CA PRO A 115 31.85 -9.06 24.81
C PRO A 115 31.99 -7.82 23.94
N GLU A 116 32.72 -6.84 24.43
CA GLU A 116 33.01 -5.58 23.81
C GLU A 116 33.56 -5.66 22.40
N ASN A 117 34.36 -6.64 22.04
CA ASN A 117 34.88 -6.74 20.68
C ASN A 117 33.79 -7.04 19.66
N ILE A 118 32.71 -7.70 19.99
CA ILE A 118 31.58 -7.94 19.13
C ILE A 118 30.72 -6.68 19.00
N VAL A 119 30.55 -5.96 20.12
CA VAL A 119 29.69 -4.76 20.08
C VAL A 119 30.37 -3.60 19.40
N HIS A 120 31.71 -3.59 19.46
CA HIS A 120 32.49 -2.52 18.81
C HIS A 120 33.11 -2.92 17.48
N GLY A 121 32.88 -4.14 16.99
CA GLY A 121 33.48 -4.60 15.74
C GLY A 121 32.67 -4.36 14.50
N SER A 122 32.69 -5.31 13.56
CA SER A 122 31.92 -5.11 12.33
C SER A 122 30.48 -5.61 12.54
N GLY A 123 29.58 -5.07 11.76
CA GLY A 123 28.18 -5.46 11.69
C GLY A 123 27.96 -6.92 11.43
N SER A 124 28.71 -7.44 10.43
CA SER A 124 28.68 -8.85 10.09
C SER A 124 29.01 -9.72 11.29
N GLN A 125 30.03 -9.37 12.06
CA GLN A 125 30.50 -10.07 13.21
C GLN A 125 29.45 -10.02 14.33
N LEU A 126 28.80 -8.85 14.44
CA LEU A 126 27.72 -8.69 15.45
C LEU A 126 26.53 -9.56 15.09
N PHE A 127 25.94 -9.50 13.89
CA PHE A 127 24.87 -10.31 13.43
C PHE A 127 25.22 -11.79 13.27
N ASP A 128 26.50 -12.10 13.01
CA ASP A 128 26.89 -13.53 13.00
C ASP A 128 26.77 -14.03 14.45
N HIS A 129 27.19 -13.21 15.42
CA HIS A 129 27.05 -13.56 16.84
C HIS A 129 25.58 -13.84 17.18
N VAL A 130 24.67 -12.93 16.83
CA VAL A 130 23.24 -13.11 17.13
C VAL A 130 22.70 -14.40 16.52
N ALA A 131 23.06 -14.67 15.24
CA ALA A 131 22.61 -15.85 14.55
C ALA A 131 23.15 -17.14 15.17
N GLU A 132 24.34 -17.08 15.71
CA GLU A 132 24.95 -18.25 16.34
C GLU A 132 24.28 -18.53 17.68
N CYS A 133 24.00 -17.47 18.43
CA CYS A 133 23.35 -17.65 19.75
C CYS A 133 21.92 -18.14 19.54
N LEU A 134 21.28 -17.66 18.47
CA LEU A 134 19.93 -18.10 18.17
C LEU A 134 19.96 -19.59 17.82
N GLY A 135 20.92 -19.98 16.97
CA GLY A 135 21.07 -21.40 16.61
C GLY A 135 21.27 -22.21 17.88
N ASP A 136 22.21 -21.84 18.75
CA ASP A 136 22.41 -22.53 20.01
C ASP A 136 21.12 -22.65 20.80
N PHE A 137 20.37 -21.53 20.88
CA PHE A 137 19.12 -21.52 21.64
C PHE A 137 18.12 -22.53 21.08
N MET A 138 17.95 -22.57 19.74
CA MET A 138 17.00 -23.48 19.13
C MET A 138 17.49 -24.93 19.23
N GLU A 139 18.80 -25.09 19.11
CA GLU A 139 19.47 -26.40 19.19
C GLU A 139 19.18 -27.08 20.52
N LYS A 140 19.58 -26.40 21.59
CA LYS A 140 19.37 -26.81 22.96
C LYS A 140 17.93 -27.20 23.23
N ARG A 141 16.95 -26.49 22.67
CA ARG A 141 15.56 -26.78 22.98
C ARG A 141 14.87 -27.61 21.93
N LYS A 142 15.61 -28.03 20.90
CA LYS A 142 15.06 -28.80 19.79
C LYS A 142 13.79 -28.14 19.29
N ILE A 143 13.87 -26.87 18.89
CA ILE A 143 12.71 -26.23 18.28
C ILE A 143 13.06 -25.75 16.88
N LYS A 144 14.14 -26.26 16.31
CA LYS A 144 14.56 -25.88 14.96
C LYS A 144 13.56 -26.14 13.85
N ASP A 145 12.60 -27.03 13.99
CA ASP A 145 11.60 -27.34 12.98
C ASP A 145 10.20 -26.90 13.36
N LYS A 146 10.05 -26.13 14.45
CA LYS A 146 8.72 -25.71 14.83
C LYS A 146 8.20 -24.52 14.02
N LYS A 147 9.07 -23.84 13.30
CA LYS A 147 8.63 -22.65 12.57
C LYS A 147 8.07 -21.55 13.48
N LEU A 148 8.73 -21.30 14.61
CA LEU A 148 8.27 -20.28 15.57
C LEU A 148 8.55 -18.88 15.02
N PRO A 149 7.56 -18.07 14.84
CA PRO A 149 7.77 -16.70 14.36
C PRO A 149 8.71 -15.99 15.34
N VAL A 150 9.64 -15.20 14.81
CA VAL A 150 10.63 -14.50 15.63
C VAL A 150 10.32 -13.00 15.73
N GLY A 151 10.40 -12.49 16.95
CA GLY A 151 10.28 -11.08 17.22
C GLY A 151 11.65 -10.58 17.68
N PHE A 152 11.99 -9.32 17.34
CA PHE A 152 13.27 -8.78 17.71
C PHE A 152 13.13 -7.44 18.45
N THR A 153 13.46 -7.42 19.73
CA THR A 153 13.62 -6.19 20.49
C THR A 153 15.03 -5.69 20.22
N PHE A 154 15.12 -4.55 19.52
CA PHE A 154 16.41 -3.97 19.15
C PHE A 154 16.32 -2.52 19.63
N SER A 155 17.00 -2.22 20.73
CA SER A 155 16.83 -0.91 21.40
C SER A 155 17.68 0.24 20.95
N PHE A 156 17.51 0.63 19.69
CA PHE A 156 18.19 1.70 19.00
C PHE A 156 17.20 2.38 18.08
N PRO A 157 17.40 3.66 17.72
CA PRO A 157 16.50 4.37 16.85
C PRO A 157 16.48 3.79 15.44
N CYS A 158 15.29 3.41 14.98
CA CYS A 158 15.22 2.81 13.65
C CYS A 158 14.11 3.43 12.81
N GLN A 159 14.43 3.55 11.51
CA GLN A 159 13.40 4.00 10.58
C GLN A 159 12.64 2.78 10.11
N GLN A 160 11.34 2.77 10.30
CA GLN A 160 10.48 1.65 9.99
C GLN A 160 9.25 2.10 9.19
N SER A 161 9.06 1.46 8.05
CA SER A 161 7.90 1.77 7.21
C SER A 161 6.88 0.63 7.34
N LYS A 162 7.31 -0.45 7.99
CA LYS A 162 6.49 -1.60 8.29
C LYS A 162 7.08 -2.33 9.51
N ILE A 163 6.30 -3.19 10.13
CA ILE A 163 6.75 -3.88 11.37
C ILE A 163 7.99 -4.72 11.15
N ASP A 164 8.20 -5.31 9.95
CA ASP A 164 9.35 -6.14 9.71
C ASP A 164 10.54 -5.49 9.02
N GLU A 165 10.70 -4.18 9.18
CA GLU A 165 11.87 -3.49 8.68
C GLU A 165 12.38 -2.60 9.83
N ALA A 166 13.68 -2.47 9.94
CA ALA A 166 14.27 -1.61 10.97
C ALA A 166 15.61 -1.12 10.47
N ILE A 167 15.57 0.07 9.85
CA ILE A 167 16.80 0.67 9.34
C ILE A 167 17.45 1.46 10.48
N LEU A 168 18.62 1.01 10.88
CA LEU A 168 19.31 1.66 12.00
C LEU A 168 19.59 3.11 11.69
N ILE A 169 19.11 4.05 12.50
CA ILE A 169 19.45 5.44 12.24
C ILE A 169 20.82 5.70 12.82
N THR A 170 21.02 5.48 14.12
CA THR A 170 22.30 5.77 14.75
C THR A 170 22.58 4.79 15.86
N TRP A 171 23.83 4.33 16.04
CA TRP A 171 24.08 3.56 17.26
C TRP A 171 24.08 4.52 18.46
N THR A 172 23.66 4.03 19.66
CA THR A 172 23.73 4.81 20.88
C THR A 172 24.24 3.85 21.98
N LYS A 173 24.39 4.33 23.21
CA LYS A 173 24.80 3.49 24.31
C LYS A 173 26.17 2.87 24.03
N ARG A 174 26.35 1.57 24.23
CA ARG A 174 27.67 0.97 24.08
C ARG A 174 27.97 0.40 22.70
N PHE A 175 26.99 0.33 21.85
CA PHE A 175 27.17 -0.30 20.55
C PHE A 175 27.77 0.65 19.54
N LYS A 176 28.64 0.06 18.70
CA LYS A 176 29.20 0.86 17.60
C LYS A 176 29.80 -0.09 16.56
N ALA A 177 28.97 -0.88 15.92
CA ALA A 177 29.44 -1.83 14.90
C ALA A 177 29.38 -1.21 13.52
N SER A 178 30.52 -1.30 12.79
CA SER A 178 30.51 -0.68 11.45
C SER A 178 29.58 -1.38 10.48
N GLY A 179 29.12 -0.64 9.46
CA GLY A 179 28.27 -1.15 8.40
C GLY A 179 26.83 -1.45 8.78
N VAL A 180 26.35 -0.84 9.90
CA VAL A 180 24.96 -1.13 10.26
C VAL A 180 24.11 0.13 10.16
N GLU A 181 24.62 1.31 10.49
CA GLU A 181 23.79 2.53 10.34
C GLU A 181 23.40 2.69 8.89
N GLY A 182 22.13 2.95 8.60
CA GLY A 182 21.61 3.03 7.26
C GLY A 182 21.24 1.69 6.63
N ALA A 183 21.34 0.56 7.28
CA ALA A 183 20.97 -0.75 6.81
C ALA A 183 19.80 -1.32 7.63
N ASP A 184 18.99 -2.12 6.96
CA ASP A 184 17.85 -2.76 7.56
C ASP A 184 18.44 -3.91 8.37
N VAL A 185 18.31 -3.82 9.70
CA VAL A 185 18.93 -4.90 10.51
C VAL A 185 18.20 -6.22 10.34
N VAL A 186 16.96 -6.27 9.90
CA VAL A 186 16.26 -7.52 9.59
C VAL A 186 16.97 -8.23 8.42
N LYS A 187 17.36 -7.40 7.43
CA LYS A 187 18.11 -7.97 6.30
C LYS A 187 19.49 -8.40 6.76
N LEU A 188 20.21 -7.63 7.57
CA LEU A 188 21.53 -8.07 8.04
C LEU A 188 21.41 -9.39 8.80
N LEU A 189 20.43 -9.45 9.72
CA LEU A 189 20.19 -10.64 10.53
C LEU A 189 19.83 -11.81 9.59
N ASN A 190 18.89 -11.64 8.67
CA ASN A 190 18.57 -12.70 7.71
C ASN A 190 19.83 -13.17 6.98
N LYS A 191 20.67 -12.22 6.56
CA LYS A 191 21.90 -12.52 5.87
C LYS A 191 22.80 -13.42 6.71
N ALA A 192 22.95 -13.06 7.99
CA ALA A 192 23.83 -13.83 8.87
C ALA A 192 23.31 -15.26 9.10
N ILE A 193 22.00 -15.40 9.20
CA ILE A 193 21.37 -16.70 9.43
C ILE A 193 21.56 -17.61 8.22
N LYS A 194 21.35 -17.02 7.05
CA LYS A 194 21.47 -17.74 5.78
C LYS A 194 22.90 -18.24 5.66
N LYS A 195 23.84 -17.36 5.92
CA LYS A 195 25.26 -17.73 5.90
C LYS A 195 25.52 -18.94 6.79
N ARG A 196 24.87 -19.11 7.94
CA ARG A 196 25.03 -20.26 8.81
C ARG A 196 24.63 -21.55 8.09
N GLY A 197 23.45 -21.50 7.50
CA GLY A 197 22.84 -22.59 6.78
C GLY A 197 22.24 -23.67 7.67
N ASP A 198 22.24 -23.43 8.96
CA ASP A 198 21.83 -24.31 10.03
C ASP A 198 20.37 -24.47 10.36
N TYR A 199 19.60 -23.42 10.13
CA TYR A 199 18.18 -23.39 10.49
C TYR A 199 17.52 -22.23 9.77
N ASP A 200 16.20 -22.27 9.73
CA ASP A 200 15.45 -21.16 9.17
C ASP A 200 14.85 -20.35 10.34
N ALA A 201 14.70 -19.05 10.11
CA ALA A 201 14.10 -18.18 11.12
C ALA A 201 13.30 -17.11 10.36
N ASN A 202 12.03 -17.00 10.71
CA ASN A 202 11.13 -16.03 10.11
C ASN A 202 11.02 -14.81 11.05
N ILE A 203 11.82 -13.80 10.79
CA ILE A 203 11.80 -12.55 11.58
C ILE A 203 10.63 -11.70 11.14
N VAL A 204 9.55 -11.68 11.92
CA VAL A 204 8.36 -10.98 11.50
C VAL A 204 8.14 -9.62 12.13
N ALA A 205 8.92 -9.23 13.14
CA ALA A 205 8.67 -7.96 13.80
C ALA A 205 9.93 -7.49 14.56
N VAL A 206 10.13 -6.18 14.46
CA VAL A 206 11.21 -5.52 15.15
C VAL A 206 10.58 -4.43 16.03
N VAL A 207 10.90 -4.41 17.33
CA VAL A 207 10.35 -3.34 18.17
C VAL A 207 11.44 -2.70 19.03
N ASN A 208 11.28 -1.44 19.43
CA ASN A 208 12.17 -0.82 20.41
C ASN A 208 11.90 -1.41 21.80
N ASP A 209 12.78 -1.33 22.78
CA ASP A 209 12.46 -1.88 24.11
C ASP A 209 11.41 -1.05 24.82
N THR A 210 11.23 0.23 24.47
CA THR A 210 10.15 0.98 25.12
C THR A 210 8.82 0.34 24.73
N VAL A 211 8.72 0.05 23.44
CA VAL A 211 7.54 -0.56 22.84
C VAL A 211 7.26 -1.95 23.39
N GLY A 212 8.26 -2.78 23.59
CA GLY A 212 8.05 -4.12 24.19
C GLY A 212 7.57 -3.94 25.62
N THR A 213 8.12 -2.95 26.35
CA THR A 213 7.71 -2.70 27.74
C THR A 213 6.26 -2.28 27.87
N MET A 214 5.85 -1.35 26.99
CA MET A 214 4.46 -0.89 26.93
C MET A 214 3.52 -2.07 26.60
N MET A 215 3.89 -2.95 25.71
CA MET A 215 3.12 -4.11 25.33
C MET A 215 3.08 -5.16 26.45
N THR A 216 4.20 -5.37 27.13
CA THR A 216 4.27 -6.31 28.24
C THR A 216 3.30 -5.85 29.34
N CYS A 217 3.34 -4.55 29.61
CA CYS A 217 2.53 -3.96 30.66
C CYS A 217 1.08 -3.81 30.22
N GLY A 218 0.83 -3.58 28.97
CA GLY A 218 -0.49 -3.44 28.37
C GLY A 218 -1.24 -4.79 28.33
N TYR A 219 -0.49 -5.86 28.31
CA TYR A 219 -1.12 -7.19 28.41
C TYR A 219 -1.79 -7.31 29.78
N ASP A 220 -1.23 -6.77 30.86
CA ASP A 220 -1.84 -6.82 32.17
C ASP A 220 -2.78 -5.65 32.45
N ASP A 221 -2.49 -4.49 31.87
CA ASP A 221 -3.27 -3.29 32.26
C ASP A 221 -3.70 -2.60 31.00
N GLN A 222 -5.02 -2.60 30.71
CA GLN A 222 -5.56 -1.98 29.52
C GLN A 222 -5.48 -0.47 29.50
N HIS A 223 -5.03 0.20 30.56
CA HIS A 223 -4.84 1.65 30.53
C HIS A 223 -3.37 1.98 30.19
N CYS A 224 -2.52 1.01 29.95
CA CYS A 224 -1.12 1.31 29.66
C CYS A 224 -1.00 2.01 28.32
N GLU A 225 -0.46 3.24 28.32
CA GLU A 225 -0.34 3.94 27.03
C GLU A 225 1.08 4.44 26.88
N VAL A 226 1.98 4.12 27.79
CA VAL A 226 3.39 4.61 27.69
C VAL A 226 4.34 3.50 28.07
N GLY A 227 5.51 3.39 27.36
CA GLY A 227 6.54 2.41 27.73
C GLY A 227 7.79 3.28 28.04
N LEU A 228 8.38 3.06 29.21
CA LEU A 228 9.49 3.94 29.62
C LEU A 228 10.71 3.07 29.95
N ILE A 229 11.87 3.46 29.47
CA ILE A 229 13.08 2.71 29.82
C ILE A 229 14.03 3.65 30.55
N ILE A 230 14.54 3.19 31.70
CA ILE A 230 15.56 3.99 32.45
C ILE A 230 16.58 2.93 32.89
N GLY A 231 17.41 2.52 31.94
CA GLY A 231 18.43 1.47 32.10
C GLY A 231 19.78 1.99 31.56
N THR A 232 20.45 1.15 30.78
CA THR A 232 21.70 1.58 30.15
C THR A 232 21.49 2.95 29.49
N GLY A 233 20.45 3.07 28.66
CA GLY A 233 20.06 4.33 28.03
C GLY A 233 18.63 4.66 28.55
N THR A 234 18.06 5.75 28.03
CA THR A 234 16.69 6.11 28.49
C THR A 234 15.87 6.52 27.29
N ASN A 235 14.59 6.18 27.27
CA ASN A 235 13.72 6.49 26.12
C ASN A 235 12.24 6.24 26.59
N ALA A 236 11.30 6.74 25.82
CA ALA A 236 9.88 6.46 26.14
C ALA A 236 9.11 6.41 24.84
N CYS A 237 8.08 5.54 24.80
CA CYS A 237 7.18 5.50 23.69
C CYS A 237 5.74 5.75 24.25
N TYR A 238 4.83 6.17 23.38
CA TYR A 238 3.47 6.45 23.87
C TYR A 238 2.57 6.30 22.69
N MET A 239 1.26 6.13 22.96
CA MET A 239 0.24 5.97 21.91
C MET A 239 -0.22 7.33 21.39
N GLU A 240 0.08 7.63 20.14
CA GLU A 240 -0.29 8.92 19.58
C GLU A 240 -1.47 8.74 18.61
N GLU A 241 -2.18 9.84 18.35
CA GLU A 241 -3.30 9.72 17.38
C GLU A 241 -2.73 9.78 15.97
N LEU A 242 -3.24 8.99 15.03
CA LEU A 242 -2.76 9.01 13.67
C LEU A 242 -2.86 10.38 13.03
N ARG A 243 -3.87 11.17 13.37
CA ARG A 243 -4.02 12.49 12.74
C ARG A 243 -2.90 13.46 13.09
N HIS A 244 -2.13 13.17 14.16
CA HIS A 244 -1.00 13.98 14.55
C HIS A 244 0.35 13.44 14.02
N ILE A 245 0.31 12.27 13.43
CA ILE A 245 1.50 11.65 12.88
C ILE A 245 1.51 11.89 11.37
N ASP A 246 2.07 13.04 10.99
CA ASP A 246 2.20 13.51 9.64
C ASP A 246 2.95 12.53 8.76
N LEU A 247 3.95 11.79 9.25
CA LEU A 247 4.63 10.90 8.31
C LEU A 247 3.99 9.54 8.13
N VAL A 248 2.83 9.29 8.69
CA VAL A 248 2.14 8.03 8.48
C VAL A 248 0.78 8.35 7.89
N GLU A 249 0.49 7.82 6.71
CA GLU A 249 -0.79 8.11 6.05
C GLU A 249 -1.95 7.55 6.86
N GLY A 250 -2.97 8.39 7.03
CA GLY A 250 -4.18 8.00 7.72
C GLY A 250 -4.46 8.94 8.86
N ASP A 251 -5.74 9.09 9.21
CA ASP A 251 -6.11 9.97 10.32
C ASP A 251 -6.87 9.12 11.33
N GLU A 252 -6.93 7.86 10.98
CA GLU A 252 -7.57 6.76 11.60
C GLU A 252 -6.93 6.14 12.83
N GLY A 253 -7.45 6.29 14.04
CA GLY A 253 -6.92 5.56 15.19
C GLY A 253 -5.60 6.00 15.80
N ARG A 254 -4.90 5.03 16.43
CA ARG A 254 -3.65 5.39 17.13
C ARG A 254 -2.44 4.53 16.69
N MET A 255 -1.24 5.02 17.07
CA MET A 255 -0.04 4.27 16.68
C MET A 255 1.01 4.68 17.74
N CYS A 256 1.74 3.67 18.20
CA CYS A 256 2.80 3.96 19.18
C CYS A 256 3.92 4.73 18.51
N ILE A 257 4.42 5.75 19.18
CA ILE A 257 5.52 6.60 18.70
C ILE A 257 6.71 6.38 19.63
N ASN A 258 7.87 6.12 19.06
CA ASN A 258 9.11 5.94 19.82
C ASN A 258 9.72 7.34 19.85
N THR A 259 9.76 8.00 20.98
CA THR A 259 10.23 9.39 20.97
C THR A 259 11.72 9.54 20.63
N GLU A 260 12.50 8.60 21.13
CA GLU A 260 13.96 8.71 21.09
C GLU A 260 14.34 10.00 21.81
N TRP A 261 13.85 10.14 23.06
CA TRP A 261 14.04 11.36 23.83
C TRP A 261 15.48 11.53 24.30
N GLY A 262 16.30 10.49 24.21
CA GLY A 262 17.70 10.59 24.62
C GLY A 262 18.40 11.71 23.81
N ALA A 263 17.99 11.99 22.60
CA ALA A 263 18.59 13.02 21.74
C ALA A 263 18.05 14.40 22.00
N PHE A 264 17.14 14.60 22.98
CA PHE A 264 16.68 15.92 23.34
C PHE A 264 17.88 16.76 23.79
N GLY A 265 18.01 17.97 23.23
CA GLY A 265 19.16 18.80 23.61
C GLY A 265 20.32 18.62 22.61
N ASP A 266 20.28 17.78 21.61
CA ASP A 266 21.47 17.55 20.76
C ASP A 266 21.72 18.78 19.87
N ASP A 267 20.73 19.63 19.69
CA ASP A 267 20.93 20.88 18.91
C ASP A 267 21.43 22.02 19.76
N GLY A 268 21.63 21.83 21.06
CA GLY A 268 22.09 22.83 21.95
C GLY A 268 21.00 23.46 22.80
N SER A 269 19.77 22.93 22.75
CA SER A 269 18.71 23.61 23.54
C SER A 269 18.74 23.34 25.02
N LEU A 270 19.61 22.49 25.57
CA LEU A 270 19.65 22.24 27.01
C LEU A 270 21.01 22.67 27.56
N GLU A 271 21.67 23.55 26.80
CA GLU A 271 23.01 23.97 27.24
C GLU A 271 22.96 24.79 28.51
N ASP A 272 21.88 25.47 28.87
CA ASP A 272 21.76 26.17 30.12
C ASP A 272 21.57 25.21 31.30
N ILE A 273 21.27 23.93 31.08
CA ILE A 273 21.11 22.93 32.12
C ILE A 273 22.38 22.14 32.24
N ARG A 274 23.07 21.91 31.13
CA ARG A 274 24.27 21.06 31.17
C ARG A 274 25.43 21.72 31.85
N THR A 275 26.22 20.92 32.57
CA THR A 275 27.35 21.43 33.36
C THR A 275 28.66 21.01 32.77
N GLU A 276 29.79 21.47 33.39
CA GLU A 276 31.08 21.02 32.90
C GLU A 276 31.19 19.52 32.94
N PHE A 277 30.63 18.85 33.97
CA PHE A 277 30.73 17.39 34.03
C PHE A 277 30.04 16.67 32.86
N ASP A 278 28.89 17.20 32.47
CA ASP A 278 28.10 16.66 31.34
C ASP A 278 28.91 16.83 30.06
N ARG A 279 29.54 18.04 29.92
CA ARG A 279 30.38 18.24 28.73
C ARG A 279 31.56 17.28 28.65
N ALA A 280 32.16 16.98 29.78
CA ALA A 280 33.32 16.10 29.88
C ALA A 280 32.97 14.67 29.58
N ILE A 281 31.86 14.18 30.15
CA ILE A 281 31.43 12.82 29.87
C ILE A 281 31.03 12.73 28.40
N ASP A 282 30.38 13.70 27.79
CA ASP A 282 30.01 13.70 26.41
C ASP A 282 31.22 13.68 25.46
N ALA A 283 32.20 14.55 25.74
CA ALA A 283 33.40 14.62 24.88
C ALA A 283 34.13 13.31 24.81
N TYR A 284 34.27 12.57 25.89
CA TYR A 284 34.98 11.29 25.86
C TYR A 284 34.13 10.07 25.64
N SER A 285 32.82 10.24 25.26
CA SER A 285 32.00 9.03 25.09
C SER A 285 32.20 8.41 23.72
N LEU A 286 31.54 7.32 23.38
CA LEU A 286 31.55 6.74 22.05
C LEU A 286 30.91 7.64 20.98
N ASN A 287 29.93 8.46 21.34
CA ASN A 287 29.13 9.30 20.45
C ASN A 287 29.08 10.76 20.84
N PRO A 288 30.19 11.52 20.86
CA PRO A 288 30.19 12.91 21.27
C PRO A 288 29.21 13.81 20.59
N GLY A 289 28.53 14.64 21.37
CA GLY A 289 27.52 15.56 20.86
C GLY A 289 26.15 14.94 20.73
N LYS A 290 25.97 13.63 20.88
CA LYS A 290 24.72 12.94 20.66
C LYS A 290 24.20 12.23 21.93
N GLN A 291 22.87 12.17 21.99
CA GLN A 291 22.13 11.63 23.17
C GLN A 291 22.48 12.45 24.39
N LEU A 292 22.45 13.77 24.35
CA LEU A 292 22.87 14.57 25.49
C LEU A 292 21.93 14.51 26.67
N PHE A 293 20.65 14.47 26.39
CA PHE A 293 19.69 14.29 27.54
C PHE A 293 19.91 12.97 28.22
N GLU A 294 20.01 11.90 27.44
CA GLU A 294 20.26 10.56 27.94
C GLU A 294 21.48 10.51 28.82
N LYS A 295 22.58 11.21 28.41
CA LYS A 295 23.82 11.23 29.19
C LYS A 295 23.64 11.95 30.51
N MET A 296 22.57 12.72 30.82
CA MET A 296 22.41 13.29 32.13
C MET A 296 21.50 12.38 33.01
N VAL A 297 21.03 11.30 32.38
CA VAL A 297 19.99 10.48 33.06
C VAL A 297 20.31 9.02 33.26
N SER A 298 20.86 8.34 32.25
CA SER A 298 20.90 6.89 32.34
C SER A 298 22.07 6.21 33.02
N GLY A 299 21.90 4.94 33.28
CA GLY A 299 22.76 4.04 34.06
C GLY A 299 24.16 3.92 33.47
N MET A 300 24.25 3.96 32.14
CA MET A 300 25.61 3.96 31.53
C MET A 300 26.42 5.14 32.01
N TYR A 301 25.84 6.31 32.26
CA TYR A 301 26.54 7.52 32.58
C TYR A 301 26.53 8.03 33.98
N LEU A 302 25.59 7.68 34.90
CA LEU A 302 25.56 8.40 36.18
C LEU A 302 26.80 8.13 37.03
N GLY A 303 27.27 6.89 37.10
CA GLY A 303 28.47 6.67 37.94
C GLY A 303 29.63 7.45 37.38
N GLU A 304 29.86 7.57 36.13
CA GLU A 304 30.97 8.31 35.52
C GLU A 304 30.77 9.78 35.77
N LEU A 305 29.57 10.34 35.85
CA LEU A 305 29.36 11.75 36.18
C LEU A 305 29.86 12.00 37.62
N VAL A 306 29.43 11.12 38.53
CA VAL A 306 29.89 11.14 39.92
C VAL A 306 31.40 11.04 39.89
N ARG A 307 32.06 10.08 39.29
CA ARG A 307 33.55 10.03 39.29
C ARG A 307 34.17 11.33 38.84
N LEU A 308 33.70 11.91 37.71
CA LEU A 308 34.23 13.19 37.27
C LEU A 308 34.11 14.27 38.34
N ILE A 309 32.98 14.28 39.07
CA ILE A 309 32.78 15.31 40.10
C ILE A 309 33.76 15.08 41.28
N LEU A 310 33.95 13.82 41.64
CA LEU A 310 34.89 13.54 42.74
C LEU A 310 36.32 13.95 42.36
N VAL A 311 36.74 13.64 41.14
CA VAL A 311 38.05 14.02 40.65
C VAL A 311 38.22 15.52 40.77
N LYS A 312 37.32 16.36 40.27
CA LYS A 312 37.49 17.81 40.42
C LYS A 312 37.58 18.24 41.88
N MET A 313 36.70 17.73 42.72
CA MET A 313 36.66 18.02 44.15
C MET A 313 37.96 17.65 44.87
N ALA A 314 38.49 16.48 44.53
CA ALA A 314 39.76 15.98 45.06
C ALA A 314 40.87 16.96 44.68
N LYS A 315 40.90 17.34 43.40
CA LYS A 315 41.86 18.29 42.88
C LYS A 315 41.80 19.61 43.64
N GLU A 316 40.62 20.02 44.11
CA GLU A 316 40.47 21.22 44.89
C GLU A 316 40.67 20.94 46.38
N GLY A 317 41.05 19.73 46.77
CA GLY A 317 41.28 19.39 48.17
C GLY A 317 40.02 19.28 49.00
N LEU A 318 38.86 19.15 48.36
CA LEU A 318 37.58 19.06 49.04
C LEU A 318 37.29 17.61 49.44
N LEU A 319 38.03 16.67 48.88
CA LEU A 319 37.83 15.28 49.21
C LEU A 319 39.20 14.64 49.39
N PHE A 320 39.24 13.62 50.22
CA PHE A 320 40.43 12.80 50.44
C PHE A 320 41.69 13.62 50.73
N GLU A 321 41.58 14.79 51.33
CA GLU A 321 42.69 15.69 51.57
C GLU A 321 43.50 15.89 50.31
N GLY A 322 42.87 15.96 49.13
CA GLY A 322 43.55 16.12 47.87
C GLY A 322 44.17 14.85 47.33
N ARG A 323 44.02 13.71 47.98
CA ARG A 323 44.59 12.46 47.47
C ARG A 323 43.90 12.08 46.16
N ILE A 324 44.68 11.77 45.13
CA ILE A 324 44.15 11.39 43.83
C ILE A 324 44.95 10.20 43.30
N THR A 325 44.23 9.11 43.09
CA THR A 325 44.88 7.90 42.58
C THR A 325 44.54 7.76 41.11
N PRO A 326 45.31 6.92 40.43
CA PRO A 326 45.07 6.63 39.03
C PRO A 326 43.77 5.85 38.86
N GLU A 327 43.42 5.05 39.88
CA GLU A 327 42.18 4.31 39.85
C GLU A 327 41.04 5.34 39.84
N LEU A 328 41.09 6.32 40.73
CA LEU A 328 40.13 7.41 40.73
C LEU A 328 40.08 8.08 39.36
N LEU A 329 41.24 8.27 38.72
CA LEU A 329 41.32 8.91 37.42
C LEU A 329 40.90 7.99 36.27
N THR A 330 40.61 6.72 36.48
CA THR A 330 40.23 5.82 35.42
C THR A 330 38.75 5.91 35.04
N ARG A 331 38.53 6.37 33.82
CA ARG A 331 37.19 6.49 33.24
C ARG A 331 36.46 5.18 33.39
N GLY A 332 35.22 5.19 33.90
CA GLY A 332 34.47 3.94 34.06
C GLY A 332 34.69 3.13 35.31
N LYS A 333 35.63 3.57 36.15
CA LYS A 333 35.97 2.88 37.37
C LYS A 333 34.95 2.98 38.50
N PHE A 334 34.06 3.94 38.43
CA PHE A 334 33.03 4.12 39.45
C PHE A 334 31.67 3.98 38.70
N ASN A 335 30.97 2.89 38.95
CA ASN A 335 29.75 2.72 38.15
C ASN A 335 28.47 3.14 38.85
N THR A 336 27.37 3.00 38.08
CA THR A 336 26.06 3.38 38.65
C THR A 336 25.62 2.41 39.71
N SER A 337 26.09 1.15 39.66
CA SER A 337 25.85 0.21 40.76
C SER A 337 26.47 0.72 42.06
N ASP A 338 27.65 1.35 41.94
CA ASP A 338 28.26 1.98 43.16
C ASP A 338 27.37 3.11 43.63
N VAL A 339 26.80 3.89 42.70
CA VAL A 339 25.96 5.00 43.18
C VAL A 339 24.78 4.42 43.96
N SER A 340 24.18 3.38 43.41
CA SER A 340 23.05 2.67 44.02
C SER A 340 23.40 2.09 45.41
N ALA A 341 24.55 1.43 45.51
CA ALA A 341 24.97 0.86 46.80
C ALA A 341 25.19 1.95 47.82
N ILE A 342 25.82 3.05 47.42
CA ILE A 342 26.08 4.18 48.28
C ILE A 342 24.81 4.87 48.73
N GLU A 343 23.69 4.87 47.99
CA GLU A 343 22.50 5.55 48.42
C GLU A 343 21.62 4.65 49.28
N LYS A 344 22.03 3.42 49.60
CA LYS A 344 21.18 2.60 50.47
C LYS A 344 20.97 3.22 51.86
N ASN A 345 19.77 3.11 52.38
CA ASN A 345 19.39 3.69 53.67
C ASN A 345 20.33 3.31 54.81
N LYS A 346 20.50 2.03 55.12
CA LYS A 346 21.30 1.76 56.33
C LYS A 346 22.76 1.53 56.04
N GLU A 347 23.09 0.93 54.92
CA GLU A 347 24.45 0.53 54.58
C GLU A 347 25.20 1.47 53.66
N GLY A 348 24.55 2.49 53.14
CA GLY A 348 25.13 3.41 52.19
C GLY A 348 26.51 3.92 52.55
N LEU A 349 26.64 4.51 53.74
CA LEU A 349 27.92 5.09 54.15
C LEU A 349 29.02 4.04 54.27
N HIS A 350 28.63 2.86 54.74
CA HIS A 350 29.53 1.73 54.86
C HIS A 350 29.99 1.33 53.47
N ASN A 351 29.04 1.20 52.54
CA ASN A 351 29.33 0.87 51.15
C ASN A 351 30.24 1.94 50.54
N ALA A 352 30.00 3.22 50.81
CA ALA A 352 30.83 4.28 50.28
C ALA A 352 32.30 4.06 50.73
N LYS A 353 32.41 3.72 52.02
CA LYS A 353 33.75 3.48 52.58
C LYS A 353 34.51 2.40 51.84
N GLU A 354 33.90 1.23 51.67
CA GLU A 354 34.49 0.12 50.98
C GLU A 354 34.83 0.48 49.53
N ILE A 355 33.80 1.00 48.82
CA ILE A 355 34.00 1.43 47.45
C ILE A 355 35.17 2.41 47.36
N LEU A 356 35.16 3.50 48.12
CA LEU A 356 36.22 4.50 47.99
C LEU A 356 37.57 3.94 48.40
N THR A 357 37.58 3.10 49.45
CA THR A 357 38.81 2.43 49.88
C THR A 357 39.44 1.69 48.73
N ARG A 358 38.64 0.99 47.93
CA ARG A 358 39.15 0.33 46.74
C ARG A 358 39.60 1.32 45.67
N LEU A 359 39.28 2.60 45.74
CA LEU A 359 39.74 3.55 44.73
C LEU A 359 41.22 3.86 44.89
N GLY A 360 41.79 3.44 46.02
CA GLY A 360 43.19 3.67 46.32
C GLY A 360 43.23 4.76 47.38
N VAL A 361 42.05 5.39 47.60
CA VAL A 361 42.12 6.37 48.69
C VAL A 361 41.93 5.56 49.97
N GLU A 362 41.91 6.34 51.01
CA GLU A 362 41.79 6.11 52.42
C GLU A 362 40.79 7.21 52.79
N PRO A 363 39.55 6.98 52.36
CA PRO A 363 38.50 7.94 52.60
C PRO A 363 38.19 8.06 54.08
N SER A 364 37.98 9.31 54.50
CA SER A 364 37.54 9.53 55.87
C SER A 364 36.03 9.27 55.89
N ASP A 365 35.46 9.37 57.09
CA ASP A 365 34.03 9.18 57.27
C ASP A 365 33.30 10.37 56.65
N ASP A 366 33.87 11.56 56.84
CA ASP A 366 33.28 12.75 56.23
C ASP A 366 33.32 12.65 54.70
N ASP A 367 34.34 12.02 54.15
CA ASP A 367 34.46 11.83 52.72
C ASP A 367 33.30 10.96 52.22
N CYS A 368 32.95 9.96 53.01
CA CYS A 368 31.84 9.07 52.70
C CYS A 368 30.49 9.80 52.65
N VAL A 369 30.29 10.69 53.61
CA VAL A 369 29.08 11.49 53.66
C VAL A 369 29.02 12.40 52.42
N SER A 370 30.15 13.04 52.10
CA SER A 370 30.19 13.93 50.95
C SER A 370 29.90 13.17 49.65
N VAL A 371 30.58 12.06 49.45
CA VAL A 371 30.41 11.25 48.26
C VAL A 371 28.96 10.76 48.14
N GLN A 372 28.37 10.27 49.21
CA GLN A 372 26.97 9.89 49.21
C GLN A 372 26.09 11.07 48.79
N HIS A 373 26.35 12.29 49.27
CA HIS A 373 25.56 13.42 48.81
C HIS A 373 25.76 13.76 47.33
N VAL A 374 26.96 13.59 46.79
CA VAL A 374 27.19 13.81 45.36
C VAL A 374 26.39 12.72 44.60
N CYS A 375 26.37 11.49 45.07
CA CYS A 375 25.56 10.45 44.40
C CYS A 375 24.09 10.84 44.42
N THR A 376 23.57 11.30 45.55
CA THR A 376 22.20 11.77 45.70
C THR A 376 21.83 12.81 44.67
N ILE A 377 22.65 13.88 44.59
CA ILE A 377 22.33 14.94 43.65
C ILE A 377 22.34 14.46 42.20
N VAL A 378 23.26 13.61 41.79
CA VAL A 378 23.34 13.14 40.42
C VAL A 378 22.14 12.25 40.11
N SER A 379 21.89 11.29 41.01
CA SER A 379 20.77 10.37 40.71
C SER A 379 19.45 11.12 40.84
N PHE A 380 19.30 12.13 41.72
CA PHE A 380 18.02 12.85 41.82
C PHE A 380 17.80 13.75 40.62
N ARG A 381 18.88 14.38 40.09
CA ARG A 381 18.71 15.20 38.88
C ARG A 381 18.20 14.31 37.75
N SER A 382 18.75 13.11 37.61
CA SER A 382 18.25 12.22 36.56
C SER A 382 16.75 11.96 36.72
N ALA A 383 16.34 11.59 37.92
CA ALA A 383 14.90 11.27 38.17
C ALA A 383 14.04 12.46 37.84
N ASN A 384 14.46 13.67 38.24
CA ASN A 384 13.79 14.92 37.97
C ASN A 384 13.65 15.17 36.50
N LEU A 385 14.77 14.98 35.75
CA LEU A 385 14.71 15.20 34.28
C LEU A 385 13.76 14.29 33.58
N VAL A 386 13.77 12.98 33.89
CA VAL A 386 12.85 12.04 33.28
C VAL A 386 11.42 12.34 33.71
N ALA A 387 11.28 12.85 34.95
CA ALA A 387 9.90 13.27 35.34
C ALA A 387 9.38 14.43 34.50
N ALA A 388 10.28 15.37 34.17
CA ALA A 388 9.87 16.46 33.28
C ALA A 388 9.49 15.98 31.89
N THR A 389 10.33 15.10 31.28
CA THR A 389 9.98 14.70 29.90
C THR A 389 8.76 13.80 29.91
N LEU A 390 8.70 12.85 30.86
CA LEU A 390 7.48 12.04 30.95
C LEU A 390 6.28 12.96 31.23
N GLY A 391 6.37 13.96 32.07
CA GLY A 391 5.26 14.90 32.25
C GLY A 391 4.74 15.53 30.97
N ALA A 392 5.61 15.89 30.02
CA ALA A 392 5.21 16.39 28.72
C ALA A 392 4.40 15.36 27.94
N ILE A 393 4.82 14.09 27.84
CA ILE A 393 4.09 13.02 27.19
C ILE A 393 2.74 12.97 27.94
N LEU A 394 2.65 12.90 29.23
CA LEU A 394 1.31 12.80 29.87
C LEU A 394 0.40 13.99 29.55
N ASN A 395 0.88 15.23 29.46
CA ASN A 395 0.07 16.37 29.06
C ASN A 395 -0.40 16.24 27.64
N ARG A 396 0.46 15.69 26.77
CA ARG A 396 0.12 15.40 25.39
C ARG A 396 -1.03 14.40 25.35
N LEU A 397 -0.94 13.29 26.11
CA LEU A 397 -2.03 12.30 26.12
C LEU A 397 -3.34 12.93 26.64
N ARG A 398 -3.20 13.71 27.71
CA ARG A 398 -4.38 14.41 28.23
C ARG A 398 -5.04 15.30 27.17
N ASP A 399 -4.25 16.12 26.49
CA ASP A 399 -4.75 16.93 25.40
C ASP A 399 -5.44 16.09 24.31
N ASN A 400 -4.89 14.96 23.91
CA ASN A 400 -5.46 14.10 22.91
C ASN A 400 -6.80 13.48 23.32
N LYS A 401 -6.97 13.14 24.58
CA LYS A 401 -8.15 12.50 25.11
C LYS A 401 -9.27 13.52 25.34
N GLY A 402 -8.87 14.75 25.62
CA GLY A 402 -9.69 15.90 25.78
C GLY A 402 -10.42 16.04 27.09
N THR A 403 -9.91 15.41 28.15
CA THR A 403 -10.58 15.49 29.45
C THR A 403 -9.80 16.30 30.48
N PRO A 404 -10.48 16.71 31.55
CA PRO A 404 -9.87 17.46 32.62
C PRO A 404 -8.78 16.65 33.32
N ARG A 405 -9.06 15.38 33.59
CA ARG A 405 -8.06 14.55 34.24
C ARG A 405 -7.57 13.41 33.34
N LEU A 406 -6.34 12.99 33.61
CA LEU A 406 -5.75 11.90 32.83
C LEU A 406 -5.63 10.67 33.69
N ARG A 407 -6.04 9.51 33.22
CA ARG A 407 -5.82 8.27 33.95
C ARG A 407 -4.97 7.41 32.99
N THR A 408 -3.79 6.99 33.43
CA THR A 408 -3.02 6.18 32.45
C THR A 408 -2.03 5.36 33.24
N THR A 409 -1.53 4.33 32.60
CA THR A 409 -0.51 3.50 33.26
C THR A 409 0.72 3.60 32.37
N VAL A 410 1.83 3.83 33.04
CA VAL A 410 3.15 3.83 32.41
C VAL A 410 3.84 2.53 32.73
N GLY A 411 4.21 1.75 31.73
CA GLY A 411 5.01 0.54 31.91
C GLY A 411 6.50 0.90 31.98
N VAL A 412 7.26 0.38 32.93
CA VAL A 412 8.66 0.78 33.10
C VAL A 412 9.61 -0.38 33.18
N ASP A 413 10.84 -0.21 32.59
CA ASP A 413 11.89 -1.21 32.83
C ASP A 413 13.25 -0.49 32.82
N GLY A 414 14.30 -1.21 33.15
CA GLY A 414 15.66 -0.63 33.11
C GLY A 414 16.32 -0.90 34.47
N SER A 415 17.63 -1.18 34.44
CA SER A 415 18.31 -1.57 35.66
C SER A 415 18.30 -0.46 36.69
N LEU A 416 18.48 0.78 36.20
CA LEU A 416 18.58 1.87 37.17
C LEU A 416 17.28 2.02 37.95
N TYR A 417 16.18 2.09 37.23
CA TYR A 417 14.88 2.23 37.88
C TYR A 417 14.62 1.01 38.81
N LYS A 418 14.96 -0.18 38.34
CA LYS A 418 14.67 -1.36 39.15
C LYS A 418 15.60 -1.55 40.35
N THR A 419 16.84 -1.14 40.33
CA THR A 419 17.80 -1.45 41.39
C THR A 419 18.24 -0.30 42.29
N HIS A 420 18.11 0.95 41.86
CA HIS A 420 18.53 2.02 42.79
C HIS A 420 17.52 2.06 43.94
N PRO A 421 17.98 2.25 45.18
CA PRO A 421 17.17 2.19 46.36
C PRO A 421 16.26 3.39 46.54
N GLN A 422 16.55 4.53 45.90
CA GLN A 422 15.69 5.66 46.00
C GLN A 422 15.12 6.23 44.71
N TYR A 423 15.70 5.91 43.55
CA TYR A 423 15.29 6.64 42.33
C TYR A 423 13.85 6.52 41.92
N SER A 424 13.25 5.31 41.86
CA SER A 424 11.86 5.26 41.35
C SER A 424 10.94 6.05 42.27
N ARG A 425 11.10 5.96 43.59
CA ARG A 425 10.29 6.76 44.53
C ARG A 425 10.40 8.25 44.25
N ARG A 426 11.61 8.78 44.03
CA ARG A 426 11.77 10.21 43.78
C ARG A 426 11.20 10.61 42.44
N PHE A 427 11.46 9.73 41.43
CA PHE A 427 10.91 10.02 40.10
C PHE A 427 9.39 10.08 40.18
N HIS A 428 8.78 9.03 40.77
CA HIS A 428 7.29 9.08 40.82
C HIS A 428 6.77 10.36 41.46
N LYS A 429 7.32 10.69 42.60
CA LYS A 429 6.83 11.87 43.37
C LYS A 429 6.98 13.16 42.60
N THR A 430 8.12 13.37 41.94
CA THR A 430 8.31 14.58 41.14
C THR A 430 7.34 14.61 39.97
N LEU A 431 7.23 13.44 39.29
CA LEU A 431 6.32 13.29 38.18
C LEU A 431 4.90 13.71 38.58
N ARG A 432 4.39 13.12 39.65
CA ARG A 432 3.02 13.40 40.10
C ARG A 432 2.88 14.85 40.52
N ARG A 433 3.88 15.50 41.08
CA ARG A 433 3.84 16.91 41.42
C ARG A 433 3.84 17.76 40.17
N LEU A 434 4.55 17.36 39.09
CA LEU A 434 4.58 18.16 37.87
C LEU A 434 3.33 18.07 37.03
N VAL A 435 2.62 16.94 37.14
CA VAL A 435 1.38 16.74 36.39
C VAL A 435 0.29 16.43 37.40
N PRO A 436 -0.15 17.45 38.13
CA PRO A 436 -1.18 17.27 39.17
C PRO A 436 -2.53 16.83 38.62
N ASP A 437 -2.81 17.06 37.36
CA ASP A 437 -4.05 16.70 36.70
C ASP A 437 -4.15 15.24 36.29
N SER A 438 -3.06 14.47 36.41
CA SER A 438 -3.07 13.06 36.06
C SER A 438 -3.11 12.09 37.22
N ASP A 439 -3.85 11.00 37.05
CA ASP A 439 -3.85 9.88 37.97
C ASP A 439 -3.02 8.79 37.24
N VAL A 440 -1.77 8.71 37.63
CA VAL A 440 -0.80 7.86 36.97
C VAL A 440 -0.33 6.66 37.77
N ARG A 441 -0.40 5.51 37.11
CA ARG A 441 0.05 4.28 37.76
C ARG A 441 1.36 3.84 37.07
N PHE A 442 2.33 3.45 37.89
CA PHE A 442 3.59 2.96 37.31
C PHE A 442 3.61 1.45 37.50
N LEU A 443 3.68 0.73 36.39
CA LEU A 443 3.77 -0.73 36.52
C LEU A 443 5.13 -1.21 36.12
N LEU A 444 5.85 -1.87 37.01
CA LEU A 444 7.14 -2.42 36.60
C LEU A 444 6.91 -3.64 35.69
N SER A 445 7.72 -3.64 34.63
CA SER A 445 7.71 -4.70 33.65
C SER A 445 8.63 -5.80 34.17
N GLU A 446 8.10 -6.77 34.91
CA GLU A 446 8.97 -7.75 35.53
C GLU A 446 9.45 -8.85 34.59
N SER A 447 8.75 -9.06 33.50
CA SER A 447 9.10 -10.13 32.58
C SER A 447 10.05 -9.63 31.49
N GLY A 448 10.27 -8.30 31.39
CA GLY A 448 11.19 -7.86 30.34
C GLY A 448 10.43 -7.68 29.02
N SER A 449 11.11 -7.12 28.02
CA SER A 449 10.49 -6.72 26.74
C SER A 449 9.92 -7.87 25.95
N GLY A 450 10.52 -9.03 26.03
CA GLY A 450 10.19 -10.26 25.36
C GLY A 450 8.73 -10.65 25.33
N LYS A 451 8.05 -10.52 26.46
CA LYS A 451 6.62 -10.84 26.52
C LYS A 451 5.84 -9.93 25.57
N GLY A 452 6.18 -8.65 25.69
CA GLY A 452 5.48 -7.64 24.85
C GLY A 452 5.88 -7.84 23.38
N ALA A 453 7.13 -8.14 23.13
CA ALA A 453 7.58 -8.34 21.74
C ALA A 453 6.82 -9.51 21.09
N ALA A 454 6.53 -10.54 21.90
CA ALA A 454 5.76 -11.70 21.45
C ALA A 454 4.35 -11.31 21.13
N MET A 455 3.75 -10.37 21.85
CA MET A 455 2.37 -9.96 21.52
C MET A 455 2.36 -9.25 20.19
N VAL A 456 3.36 -8.41 19.91
CA VAL A 456 3.48 -7.73 18.62
C VAL A 456 3.71 -8.74 17.49
N THR A 457 4.53 -9.75 17.81
CA THR A 457 4.92 -10.80 16.90
C THR A 457 3.69 -11.63 16.53
N ALA A 458 2.86 -11.96 17.52
CA ALA A 458 1.64 -12.71 17.23
C ALA A 458 0.81 -11.95 16.18
N VAL A 459 0.55 -10.67 16.42
CA VAL A 459 -0.29 -9.89 15.47
C VAL A 459 0.42 -9.74 14.13
N ALA A 460 1.71 -9.46 14.09
CA ALA A 460 2.46 -9.31 12.86
C ALA A 460 2.41 -10.61 12.04
N TYR A 461 2.52 -11.76 12.74
CA TYR A 461 2.53 -13.04 12.03
C TYR A 461 1.15 -13.31 11.42
N ARG A 462 0.09 -13.03 12.14
CA ARG A 462 -1.26 -13.22 11.59
C ARG A 462 -1.45 -12.36 10.34
N LEU A 463 -0.97 -11.11 10.37
CA LEU A 463 -1.12 -10.24 9.21
C LEU A 463 -0.20 -10.60 8.07
N ALA A 464 0.99 -11.12 8.35
CA ALA A 464 1.86 -11.56 7.28
C ALA A 464 1.23 -12.76 6.54
N GLU A 465 0.57 -13.63 7.33
CA GLU A 465 -0.04 -14.82 6.71
C GLU A 465 -1.20 -14.41 5.80
N GLN A 466 -2.00 -13.47 6.25
CA GLN A 466 -3.10 -12.96 5.45
C GLN A 466 -2.55 -12.23 4.21
N HIS A 467 -1.45 -11.51 4.33
CA HIS A 467 -0.83 -10.84 3.20
C HIS A 467 -0.30 -11.84 2.19
N ARG A 468 0.38 -12.88 2.66
CA ARG A 468 0.93 -13.91 1.82
C ARG A 468 -0.17 -14.52 0.94
N GLN A 469 -1.29 -14.90 1.51
CA GLN A 469 -2.38 -15.53 0.75
C GLN A 469 -3.02 -14.52 -0.22
N ILE A 470 -3.17 -13.27 0.18
CA ILE A 470 -3.72 -12.26 -0.73
C ILE A 470 -2.79 -12.11 -1.93
N GLU A 471 -1.49 -11.99 -1.68
CA GLU A 471 -0.53 -11.84 -2.74
C GLU A 471 -0.47 -13.05 -3.65
N GLU A 472 -0.57 -14.27 -3.13
CA GLU A 472 -0.60 -15.47 -3.94
C GLU A 472 -1.84 -15.42 -4.86
N THR A 473 -2.99 -14.99 -4.34
CA THR A 473 -4.20 -14.90 -5.17
C THR A 473 -3.99 -13.85 -6.26
N LEU A 474 -3.57 -12.64 -5.89
CA LEU A 474 -3.36 -11.57 -6.86
C LEU A 474 -2.24 -11.82 -7.82
N ALA A 475 -1.24 -12.65 -7.49
CA ALA A 475 -0.16 -12.93 -8.44
C ALA A 475 -0.65 -13.68 -9.67
N HIS A 476 -1.76 -14.41 -9.62
CA HIS A 476 -2.26 -15.07 -10.81
C HIS A 476 -2.71 -14.06 -11.87
N PHE A 477 -2.97 -12.81 -11.55
CA PHE A 477 -3.37 -11.78 -12.49
C PHE A 477 -2.20 -10.99 -13.06
N HIS A 478 -1.02 -11.20 -12.46
CA HIS A 478 0.18 -10.49 -12.97
C HIS A 478 0.67 -11.09 -14.26
N LEU A 479 0.95 -10.26 -15.25
CA LEU A 479 1.43 -10.78 -16.53
C LEU A 479 2.82 -10.19 -16.78
N THR A 480 3.83 -10.98 -16.99
CA THR A 480 5.16 -10.47 -17.26
C THR A 480 5.18 -9.94 -18.72
N LYS A 481 6.26 -9.22 -19.03
CA LYS A 481 6.46 -8.75 -20.39
C LYS A 481 6.57 -9.92 -21.34
N ASP A 482 7.29 -11.00 -20.96
CA ASP A 482 7.35 -12.13 -21.85
C ASP A 482 5.97 -12.76 -22.08
N MET A 483 5.19 -12.86 -21.02
CA MET A 483 3.85 -13.48 -21.14
C MET A 483 3.03 -12.61 -22.14
N LEU A 484 3.07 -11.30 -21.95
CA LEU A 484 2.37 -10.35 -22.85
C LEU A 484 2.86 -10.47 -24.27
N LEU A 485 4.17 -10.62 -24.50
CA LEU A 485 4.65 -10.86 -25.87
C LEU A 485 4.07 -12.14 -26.42
N GLU A 486 3.85 -13.18 -25.59
CA GLU A 486 3.27 -14.43 -25.99
C GLU A 486 1.74 -14.23 -26.32
N VAL A 487 1.10 -13.40 -25.51
CA VAL A 487 -0.35 -13.17 -25.86
C VAL A 487 -0.40 -12.49 -27.23
N LYS A 488 0.54 -11.56 -27.45
CA LYS A 488 0.61 -10.80 -28.72
C LYS A 488 0.80 -11.76 -29.85
N LYS A 489 1.76 -12.72 -29.69
CA LYS A 489 2.04 -13.70 -30.71
C LYS A 489 0.86 -14.56 -31.01
N ARG A 490 0.16 -15.03 -29.99
CA ARG A 490 -1.05 -15.84 -30.18
C ARG A 490 -2.14 -15.05 -30.93
N MET A 491 -2.34 -13.78 -30.56
CA MET A 491 -3.36 -12.97 -31.29
C MET A 491 -3.01 -12.92 -32.77
N ARG A 492 -1.74 -12.60 -33.10
CA ARG A 492 -1.28 -12.61 -34.47
C ARG A 492 -1.53 -13.90 -35.16
N ALA A 493 -1.21 -15.05 -34.50
CA ALA A 493 -1.49 -16.30 -35.18
C ALA A 493 -2.99 -16.50 -35.39
N GLU A 494 -3.83 -16.07 -34.45
CA GLU A 494 -5.29 -16.26 -34.64
C GLU A 494 -5.74 -15.30 -35.76
N MET A 495 -5.14 -14.14 -35.88
CA MET A 495 -5.50 -13.24 -37.00
C MET A 495 -5.21 -13.93 -38.33
N GLU A 496 -4.02 -14.62 -38.40
CA GLU A 496 -3.75 -15.31 -39.68
C GLU A 496 -4.77 -16.41 -39.92
N LEU A 497 -5.16 -17.17 -38.91
CA LEU A 497 -6.13 -18.24 -39.04
C LEU A 497 -7.45 -17.79 -39.63
N GLY A 498 -7.98 -16.72 -39.00
CA GLY A 498 -9.26 -16.15 -39.51
C GLY A 498 -9.21 -15.54 -40.90
N LEU A 499 -8.09 -14.99 -41.39
CA LEU A 499 -8.03 -14.42 -42.72
C LEU A 499 -7.89 -15.41 -43.86
N ARG A 500 -7.33 -16.57 -43.57
CA ARG A 500 -7.08 -17.60 -44.58
C ARG A 500 -8.27 -18.50 -44.79
N LYS A 501 -8.55 -18.74 -46.06
CA LYS A 501 -9.64 -19.56 -46.54
C LYS A 501 -9.63 -20.96 -45.94
N GLN A 502 -8.47 -21.59 -46.05
CA GLN A 502 -8.28 -22.93 -45.54
C GLN A 502 -8.74 -23.01 -44.09
N THR A 503 -8.29 -22.07 -43.25
CA THR A 503 -8.56 -22.15 -41.84
C THR A 503 -9.66 -21.28 -41.26
N HIS A 504 -10.29 -20.44 -42.07
CA HIS A 504 -11.23 -19.46 -41.57
C HIS A 504 -12.40 -20.06 -40.81
N ASN A 505 -13.00 -21.12 -41.35
CA ASN A 505 -14.17 -21.68 -40.65
C ASN A 505 -13.91 -22.16 -39.25
N ASN A 506 -12.76 -22.67 -38.83
CA ASN A 506 -12.63 -23.09 -37.43
C ASN A 506 -11.79 -22.15 -36.58
N ALA A 507 -11.49 -20.99 -37.17
CA ALA A 507 -10.73 -19.95 -36.45
C ALA A 507 -11.61 -19.25 -35.40
N VAL A 508 -11.15 -19.07 -34.17
CA VAL A 508 -11.98 -18.39 -33.19
C VAL A 508 -12.01 -16.87 -33.39
N VAL A 509 -10.99 -16.29 -34.00
CA VAL A 509 -11.02 -14.82 -34.24
C VAL A 509 -11.43 -14.72 -35.70
N LYS A 510 -12.69 -14.37 -36.04
CA LYS A 510 -13.25 -14.49 -37.36
C LYS A 510 -12.74 -13.56 -38.43
N MET A 511 -12.17 -12.41 -38.06
CA MET A 511 -11.56 -11.58 -39.10
C MET A 511 -12.57 -11.32 -40.24
N LEU A 512 -13.71 -10.75 -39.88
CA LEU A 512 -14.82 -10.56 -40.83
C LEU A 512 -14.72 -9.28 -41.65
N PRO A 513 -14.89 -9.46 -42.96
CA PRO A 513 -14.93 -8.34 -43.90
C PRO A 513 -16.13 -7.46 -43.67
N SER A 514 -15.87 -6.16 -43.65
CA SER A 514 -16.91 -5.16 -43.38
C SER A 514 -17.40 -4.56 -44.70
N PHE A 515 -16.71 -4.80 -45.80
CA PHE A 515 -17.00 -4.16 -47.08
C PHE A 515 -16.81 -2.66 -47.10
N VAL A 516 -16.06 -2.11 -46.15
CA VAL A 516 -15.65 -0.73 -46.10
C VAL A 516 -14.23 -0.79 -46.70
N ARG A 517 -13.98 -0.23 -47.90
CA ARG A 517 -12.67 -0.40 -48.49
C ARG A 517 -11.76 0.80 -48.39
N ARG A 518 -12.17 1.93 -47.86
CA ARG A 518 -11.27 3.05 -47.71
C ARG A 518 -11.76 3.96 -46.60
N THR A 519 -10.83 4.75 -46.09
CA THR A 519 -11.18 5.74 -45.07
C THR A 519 -11.84 6.89 -45.83
N PRO A 520 -12.31 7.91 -45.15
CA PRO A 520 -13.06 9.01 -45.80
C PRO A 520 -12.13 9.77 -46.76
N ASP A 521 -12.54 10.08 -47.96
CA ASP A 521 -11.67 10.80 -48.91
C ASP A 521 -11.89 12.31 -48.97
N GLY A 522 -12.81 12.79 -48.14
CA GLY A 522 -13.10 14.21 -48.04
C GLY A 522 -14.23 14.67 -48.96
N THR A 523 -14.76 13.80 -49.83
CA THR A 523 -15.85 14.20 -50.72
C THR A 523 -17.24 13.86 -50.24
N GLU A 524 -17.36 13.07 -49.17
CA GLU A 524 -18.65 12.67 -48.65
C GLU A 524 -19.52 13.89 -48.30
N ASN A 525 -20.83 13.82 -48.57
CA ASN A 525 -21.70 14.92 -48.16
C ASN A 525 -23.13 14.39 -48.33
N GLY A 526 -24.03 14.86 -47.52
CA GLY A 526 -25.43 14.44 -47.59
C GLY A 526 -26.03 14.47 -46.22
N ASP A 527 -27.30 14.09 -46.07
CA ASP A 527 -27.98 14.01 -44.81
C ASP A 527 -28.29 12.53 -44.63
N PHE A 528 -27.95 12.02 -43.46
CA PHE A 528 -28.07 10.61 -43.21
C PHE A 528 -28.71 10.32 -41.87
N LEU A 529 -29.45 9.22 -41.79
CA LEU A 529 -29.92 8.71 -40.51
C LEU A 529 -28.88 7.58 -40.12
N ALA A 530 -28.87 7.32 -38.85
CA ALA A 530 -28.02 6.17 -38.37
C ALA A 530 -28.63 5.58 -37.14
N LEU A 531 -28.37 4.30 -36.85
CA LEU A 531 -28.78 3.62 -35.66
C LEU A 531 -27.49 3.18 -34.93
N ASP A 532 -27.51 3.18 -33.61
CA ASP A 532 -26.30 2.77 -32.86
C ASP A 532 -26.83 1.76 -31.85
N LEU A 533 -26.74 0.47 -32.13
CA LEU A 533 -27.27 -0.56 -31.26
C LEU A 533 -26.23 -1.59 -30.78
N GLY A 534 -26.13 -1.85 -29.50
CA GLY A 534 -25.24 -2.88 -28.96
C GLY A 534 -24.39 -2.40 -27.80
N GLY A 535 -24.24 -1.08 -27.67
CA GLY A 535 -23.46 -0.53 -26.56
C GLY A 535 -24.40 -0.29 -25.39
N THR A 536 -23.97 0.60 -24.49
CA THR A 536 -24.78 0.95 -23.35
C THR A 536 -26.08 1.63 -23.78
N ASN A 537 -25.98 2.54 -24.75
CA ASN A 537 -27.17 3.27 -25.19
C ASN A 537 -27.62 2.97 -26.61
N PHE A 538 -28.87 2.61 -26.83
CA PHE A 538 -29.38 2.49 -28.19
C PHE A 538 -29.71 3.91 -28.67
N ARG A 539 -29.20 4.31 -29.84
CA ARG A 539 -29.47 5.66 -30.29
C ARG A 539 -29.90 5.68 -31.77
N VAL A 540 -30.70 6.72 -32.05
CA VAL A 540 -31.08 7.04 -33.42
C VAL A 540 -30.44 8.40 -33.65
N LEU A 541 -29.82 8.65 -34.81
CA LEU A 541 -29.12 9.86 -35.11
C LEU A 541 -29.50 10.44 -36.48
N LEU A 542 -29.29 11.72 -36.62
CA LEU A 542 -29.43 12.44 -37.90
C LEU A 542 -28.06 13.06 -38.10
N VAL A 543 -27.36 12.80 -39.18
CA VAL A 543 -26.00 13.34 -39.36
C VAL A 543 -25.99 14.12 -40.68
N LYS A 544 -25.53 15.36 -40.66
CA LYS A 544 -25.41 16.13 -41.89
C LYS A 544 -23.94 16.43 -42.15
N ILE A 545 -23.46 16.00 -43.30
CA ILE A 545 -22.10 16.18 -43.67
C ILE A 545 -22.02 17.08 -44.91
N ARG A 546 -21.10 18.02 -44.83
CA ARG A 546 -20.91 18.96 -45.94
C ARG A 546 -19.41 19.06 -46.23
N SER A 547 -19.03 18.91 -47.48
CA SER A 547 -17.62 19.00 -47.83
C SER A 547 -17.34 20.33 -48.54
N GLY A 548 -16.11 20.50 -49.04
CA GLY A 548 -15.78 21.73 -49.75
C GLY A 548 -14.84 22.68 -49.01
N LYS A 549 -15.05 23.99 -49.20
CA LYS A 549 -14.22 25.01 -48.57
C LYS A 549 -14.00 24.69 -47.10
N LYS A 550 -15.06 24.72 -46.30
CA LYS A 550 -14.95 24.41 -44.88
C LYS A 550 -15.93 23.27 -44.55
N ARG A 551 -15.39 22.07 -44.50
CA ARG A 551 -16.22 20.90 -44.24
C ARG A 551 -16.89 21.01 -42.89
N THR A 552 -18.12 20.51 -42.78
CA THR A 552 -18.82 20.50 -41.50
C THR A 552 -19.56 19.16 -41.36
N VAL A 553 -19.81 18.81 -40.10
CA VAL A 553 -20.58 17.67 -39.70
C VAL A 553 -21.53 18.15 -38.62
N GLU A 554 -22.82 17.93 -38.78
CA GLU A 554 -23.75 18.36 -37.74
C GLU A 554 -24.48 17.10 -37.33
N MET A 555 -24.57 16.81 -36.04
CA MET A 555 -25.25 15.61 -35.59
C MET A 555 -26.27 15.85 -34.52
N HIS A 556 -27.36 15.13 -34.57
CA HIS A 556 -28.38 15.11 -33.54
C HIS A 556 -28.70 13.64 -33.19
N ASN A 557 -29.09 13.38 -31.95
CA ASN A 557 -29.42 12.01 -31.55
C ASN A 557 -30.40 11.96 -30.40
N LYS A 558 -31.06 10.83 -30.23
CA LYS A 558 -31.85 10.59 -29.05
C LYS A 558 -31.50 9.19 -28.52
N ILE A 559 -31.38 9.05 -27.23
CA ILE A 559 -31.18 7.72 -26.64
C ILE A 559 -32.52 7.08 -26.36
N TYR A 560 -32.66 5.79 -26.61
CA TYR A 560 -33.88 5.05 -26.34
C TYR A 560 -33.55 3.84 -25.47
N ALA A 561 -34.39 3.58 -24.45
CA ALA A 561 -34.08 2.43 -23.63
C ALA A 561 -34.47 1.14 -24.33
N ILE A 562 -33.76 0.05 -24.02
CA ILE A 562 -34.18 -1.23 -24.56
C ILE A 562 -34.24 -2.16 -23.34
N PRO A 563 -35.42 -2.38 -22.83
CA PRO A 563 -35.57 -3.24 -21.65
C PRO A 563 -34.96 -4.60 -21.93
N ILE A 564 -34.45 -5.24 -20.90
CA ILE A 564 -33.84 -6.55 -21.07
C ILE A 564 -34.80 -7.57 -21.61
N GLU A 565 -36.11 -7.44 -21.38
CA GLU A 565 -37.07 -8.36 -21.97
C GLU A 565 -37.13 -8.24 -23.48
N ILE A 566 -36.81 -7.08 -24.05
CA ILE A 566 -36.87 -6.96 -25.52
C ILE A 566 -35.50 -7.31 -26.04
N MET A 567 -34.43 -7.06 -25.29
CA MET A 567 -33.09 -7.50 -25.70
C MET A 567 -32.98 -9.03 -25.72
N GLN A 568 -33.80 -9.71 -24.91
CA GLN A 568 -33.78 -11.15 -24.85
C GLN A 568 -35.16 -11.72 -25.23
N GLY A 569 -36.05 -11.02 -25.94
CA GLY A 569 -37.35 -11.56 -26.36
C GLY A 569 -37.33 -12.09 -27.80
N THR A 570 -38.28 -11.72 -28.68
CA THR A 570 -38.22 -12.28 -30.04
C THR A 570 -37.53 -11.29 -30.99
N GLY A 571 -37.01 -11.73 -32.11
CA GLY A 571 -36.42 -10.77 -33.07
C GLY A 571 -37.50 -9.80 -33.58
N GLU A 572 -38.70 -10.31 -33.86
CA GLU A 572 -39.80 -9.41 -34.27
C GLU A 572 -40.04 -8.31 -33.27
N GLU A 573 -40.04 -8.58 -31.96
CA GLU A 573 -40.22 -7.59 -30.92
C GLU A 573 -39.09 -6.57 -30.83
N LEU A 574 -37.87 -7.10 -30.99
CA LEU A 574 -36.73 -6.19 -30.91
C LEU A 574 -36.76 -5.23 -32.08
N PHE A 575 -36.97 -5.70 -33.32
CA PHE A 575 -36.95 -4.79 -34.47
C PHE A 575 -38.16 -3.88 -34.55
N ASP A 576 -39.31 -4.39 -34.07
CA ASP A 576 -40.47 -3.50 -33.95
C ASP A 576 -40.11 -2.34 -33.03
N HIS A 577 -39.47 -2.65 -31.88
CA HIS A 577 -39.04 -1.64 -30.93
C HIS A 577 -38.07 -0.64 -31.55
N ILE A 578 -37.08 -1.16 -32.29
CA ILE A 578 -36.14 -0.24 -32.99
C ILE A 578 -36.95 0.66 -33.95
N VAL A 579 -37.91 0.04 -34.66
CA VAL A 579 -38.67 0.86 -35.65
C VAL A 579 -39.53 1.88 -34.94
N SER A 580 -40.12 1.54 -33.81
CA SER A 580 -40.90 2.53 -33.02
C SER A 580 -40.05 3.71 -32.61
N CYS A 581 -38.81 3.47 -32.13
CA CYS A 581 -37.86 4.52 -31.78
C CYS A 581 -37.50 5.38 -33.00
N ILE A 582 -37.30 4.82 -34.17
CA ILE A 582 -37.01 5.61 -35.37
C ILE A 582 -38.20 6.51 -35.67
N SER A 583 -39.40 5.94 -35.63
CA SER A 583 -40.62 6.79 -35.81
C SER A 583 -40.61 7.97 -34.88
N ASP A 584 -40.36 7.79 -33.60
CA ASP A 584 -40.27 8.85 -32.61
C ASP A 584 -39.25 9.91 -32.95
N PHE A 585 -38.03 9.46 -33.35
CA PHE A 585 -36.93 10.33 -33.65
C PHE A 585 -37.30 11.16 -34.89
N LEU A 586 -37.97 10.58 -35.87
CA LEU A 586 -38.32 11.35 -37.07
C LEU A 586 -39.29 12.49 -36.70
N ASP A 587 -40.19 12.21 -35.76
CA ASP A 587 -41.10 13.26 -35.27
C ASP A 587 -40.34 14.28 -34.45
N TYR A 588 -39.40 13.79 -33.60
CA TYR A 588 -38.59 14.64 -32.76
C TYR A 588 -37.75 15.59 -33.59
N MET A 589 -37.24 15.15 -34.73
CA MET A 589 -36.41 16.01 -35.56
C MET A 589 -37.21 16.77 -36.60
N GLY A 590 -38.43 16.39 -36.87
CA GLY A 590 -39.22 17.12 -37.86
C GLY A 590 -38.83 16.71 -39.28
N ILE A 591 -38.38 15.46 -39.38
CA ILE A 591 -37.95 14.90 -40.64
C ILE A 591 -39.16 14.43 -41.45
N LYS A 592 -39.22 14.97 -42.66
CA LYS A 592 -40.34 14.68 -43.58
C LYS A 592 -39.69 14.66 -44.96
N GLY A 593 -40.42 14.29 -46.01
CA GLY A 593 -39.78 14.27 -47.33
C GLY A 593 -39.35 12.85 -47.71
N PRO A 594 -38.75 12.76 -48.90
CA PRO A 594 -38.33 11.49 -49.44
C PRO A 594 -37.52 10.64 -48.46
N ARG A 595 -37.55 9.32 -48.66
CA ARG A 595 -36.87 8.37 -47.78
C ARG A 595 -35.36 8.63 -47.79
N MET A 596 -34.81 8.62 -46.60
CA MET A 596 -33.41 8.92 -46.33
C MET A 596 -32.53 7.66 -46.23
N PRO A 597 -31.27 7.83 -46.59
CA PRO A 597 -30.30 6.74 -46.50
C PRO A 597 -29.99 6.50 -45.02
N LEU A 598 -29.79 5.24 -44.61
CA LEU A 598 -29.54 4.97 -43.22
C LEU A 598 -28.36 4.02 -43.00
N GLY A 599 -27.52 4.34 -42.02
CA GLY A 599 -26.45 3.36 -41.71
C GLY A 599 -26.74 2.74 -40.34
N PHE A 600 -26.64 1.41 -40.27
CA PHE A 600 -27.02 0.70 -39.07
C PHE A 600 -25.75 0.16 -38.33
N THR A 601 -25.36 0.80 -37.30
CA THR A 601 -24.24 0.32 -36.44
C THR A 601 -24.87 -0.74 -35.55
N PHE A 602 -24.45 -1.98 -35.68
CA PHE A 602 -25.04 -3.13 -35.00
C PHE A 602 -23.81 -3.85 -34.39
N SER A 603 -23.61 -3.71 -33.09
CA SER A 603 -22.27 -4.18 -32.60
C SER A 603 -22.20 -5.59 -32.18
N PHE A 604 -22.38 -6.51 -33.12
CA PHE A 604 -22.42 -7.96 -32.87
C PHE A 604 -21.75 -8.54 -34.10
N PRO A 605 -21.27 -9.79 -34.05
CA PRO A 605 -20.57 -10.36 -35.19
C PRO A 605 -21.54 -10.73 -36.30
N CYS A 606 -21.26 -10.25 -37.50
CA CYS A 606 -22.07 -10.56 -38.67
C CYS A 606 -21.23 -10.97 -39.85
N GLN A 607 -21.69 -11.98 -40.57
CA GLN A 607 -21.03 -12.42 -41.78
C GLN A 607 -21.65 -11.64 -42.96
N GLN A 608 -20.91 -10.69 -43.50
CA GLN A 608 -21.44 -9.80 -44.55
C GLN A 608 -21.09 -10.27 -45.95
N THR A 609 -22.01 -10.23 -46.91
CA THR A 609 -21.71 -10.52 -48.30
C THR A 609 -21.58 -9.20 -49.09
N SER A 610 -21.95 -8.10 -48.48
CA SER A 610 -21.81 -6.76 -49.03
C SER A 610 -21.98 -5.76 -47.92
N LEU A 611 -21.90 -4.45 -48.21
CA LEU A 611 -22.10 -3.46 -47.17
C LEU A 611 -23.49 -3.48 -46.54
N ASP A 612 -24.48 -3.85 -47.34
CA ASP A 612 -25.84 -3.75 -46.79
C ASP A 612 -26.46 -5.10 -46.42
N ALA A 613 -25.65 -6.12 -46.21
CA ALA A 613 -26.22 -7.44 -45.84
C ALA A 613 -25.33 -8.00 -44.72
N GLY A 614 -25.84 -8.45 -43.63
CA GLY A 614 -25.01 -8.99 -42.55
C GLY A 614 -25.79 -10.03 -41.79
N ILE A 615 -25.31 -11.29 -41.83
CA ILE A 615 -26.01 -12.34 -41.12
C ILE A 615 -25.44 -12.44 -39.72
N LEU A 616 -26.27 -12.38 -38.70
CA LEU A 616 -25.83 -12.47 -37.30
C LEU A 616 -25.31 -13.88 -37.04
N ILE A 617 -24.05 -13.92 -36.57
CA ILE A 617 -23.37 -15.21 -36.38
C ILE A 617 -23.69 -15.80 -35.01
N THR A 618 -23.79 -14.91 -34.02
CA THR A 618 -24.06 -15.33 -32.65
C THR A 618 -24.33 -14.12 -31.79
N TRP A 619 -25.11 -14.27 -30.70
CA TRP A 619 -25.30 -13.06 -29.89
C TRP A 619 -24.11 -12.90 -28.92
N THR A 620 -23.75 -11.73 -28.45
CA THR A 620 -22.70 -11.55 -27.45
C THR A 620 -23.22 -10.50 -26.46
N LYS A 621 -22.48 -10.18 -25.40
CA LYS A 621 -22.90 -9.20 -24.38
C LYS A 621 -24.23 -9.69 -23.77
N GLY A 622 -25.21 -8.83 -23.54
CA GLY A 622 -26.45 -9.40 -22.94
C GLY A 622 -27.62 -9.66 -23.86
N PHE A 623 -27.46 -9.59 -25.18
CA PHE A 623 -28.57 -9.79 -26.11
C PHE A 623 -28.87 -11.23 -26.37
N LYS A 624 -30.14 -11.65 -26.54
CA LYS A 624 -30.47 -13.02 -26.78
C LYS A 624 -31.78 -13.19 -27.59
N ALA A 625 -32.25 -12.16 -28.28
CA ALA A 625 -33.51 -12.25 -29.03
C ALA A 625 -33.52 -13.40 -30.01
N THR A 626 -34.68 -14.11 -30.00
CA THR A 626 -34.84 -15.28 -30.83
C THR A 626 -35.09 -15.02 -32.27
N ASP A 627 -34.81 -15.99 -33.13
CA ASP A 627 -34.97 -15.93 -34.57
C ASP A 627 -34.21 -14.74 -35.18
N CYS A 628 -32.97 -14.52 -34.73
CA CYS A 628 -32.11 -13.45 -35.26
C CYS A 628 -30.81 -14.05 -35.79
N VAL A 629 -30.27 -14.99 -34.99
CA VAL A 629 -29.04 -15.63 -35.39
C VAL A 629 -29.26 -16.39 -36.69
N GLY A 630 -28.44 -16.17 -37.68
CA GLY A 630 -28.55 -16.82 -38.98
C GLY A 630 -29.49 -16.05 -39.90
N HIS A 631 -30.02 -14.89 -39.46
CA HIS A 631 -30.86 -14.08 -40.32
C HIS A 631 -30.10 -12.82 -40.76
N ASP A 632 -30.44 -12.26 -41.88
CA ASP A 632 -29.77 -10.99 -42.30
C ASP A 632 -30.40 -9.90 -41.45
N VAL A 633 -29.67 -9.18 -40.60
CA VAL A 633 -30.29 -8.16 -39.77
C VAL A 633 -30.80 -6.97 -40.56
N VAL A 634 -30.35 -6.70 -41.75
CA VAL A 634 -30.92 -5.61 -42.58
C VAL A 634 -32.34 -6.02 -43.02
N THR A 635 -32.50 -7.30 -43.34
CA THR A 635 -33.80 -7.87 -43.72
C THR A 635 -34.70 -7.78 -42.50
N LEU A 636 -34.17 -8.10 -41.30
CA LEU A 636 -34.99 -7.97 -40.08
C LEU A 636 -35.46 -6.54 -39.88
N LEU A 637 -34.56 -5.58 -40.08
CA LEU A 637 -34.94 -4.18 -39.96
C LEU A 637 -35.94 -3.81 -41.09
N ARG A 638 -35.64 -4.14 -42.33
CA ARG A 638 -36.54 -3.82 -43.44
C ARG A 638 -37.90 -4.46 -43.18
N ASP A 639 -38.00 -5.68 -42.66
CA ASP A 639 -39.29 -6.31 -42.36
C ASP A 639 -40.04 -5.50 -41.32
N ALA A 640 -39.34 -5.06 -40.26
CA ALA A 640 -40.03 -4.29 -39.22
C ALA A 640 -40.51 -2.96 -39.79
N ILE A 641 -39.80 -2.34 -40.72
CA ILE A 641 -40.25 -1.07 -41.30
C ILE A 641 -41.53 -1.32 -42.11
N LYS A 642 -41.59 -2.40 -42.87
CA LYS A 642 -42.78 -2.78 -43.62
C LYS A 642 -43.95 -3.10 -42.70
N ARG A 643 -43.74 -3.76 -41.55
CA ARG A 643 -44.85 -4.02 -40.66
C ARG A 643 -45.47 -2.72 -40.14
N ARG A 644 -44.67 -1.71 -39.83
CA ARG A 644 -45.25 -0.48 -39.31
C ARG A 644 -46.01 0.26 -40.41
N GLU A 645 -45.56 0.15 -41.65
CA GLU A 645 -46.24 0.76 -42.77
C GLU A 645 -46.44 2.24 -42.59
N GLU A 646 -45.40 2.96 -42.19
CA GLU A 646 -45.47 4.41 -42.06
C GLU A 646 -44.32 4.96 -42.90
N PHE A 647 -43.17 5.19 -42.29
CA PHE A 647 -42.03 5.73 -43.06
C PHE A 647 -41.37 4.63 -43.86
N ASP A 648 -40.57 5.03 -44.85
CA ASP A 648 -39.74 4.09 -45.61
C ASP A 648 -38.32 4.61 -45.30
N LEU A 649 -37.35 3.75 -45.51
CA LEU A 649 -35.94 4.09 -45.29
C LEU A 649 -35.14 3.33 -46.31
N ASP A 650 -33.99 3.86 -46.64
CA ASP A 650 -33.05 3.17 -47.52
C ASP A 650 -31.85 2.71 -46.65
N VAL A 651 -31.91 1.46 -46.21
CA VAL A 651 -30.81 0.93 -45.37
C VAL A 651 -29.66 0.63 -46.32
N VAL A 652 -28.62 1.45 -46.22
CA VAL A 652 -27.50 1.30 -47.14
C VAL A 652 -26.33 0.49 -46.55
N ALA A 653 -26.30 0.36 -45.23
CA ALA A 653 -25.15 -0.31 -44.63
C ALA A 653 -25.40 -0.79 -43.21
N VAL A 654 -24.76 -1.93 -42.93
CA VAL A 654 -24.77 -2.47 -41.56
C VAL A 654 -23.25 -2.49 -41.18
N VAL A 655 -22.93 -1.89 -40.06
CA VAL A 655 -21.52 -1.63 -39.67
C VAL A 655 -21.27 -2.11 -38.27
N ASN A 656 -20.07 -2.69 -37.97
CA ASN A 656 -19.72 -2.89 -36.53
C ASN A 656 -19.37 -1.60 -35.85
N ASP A 657 -19.44 -1.40 -34.53
CA ASP A 657 -19.04 -0.15 -33.87
C ASP A 657 -17.53 0.09 -33.91
N THR A 658 -16.71 -0.96 -34.06
CA THR A 658 -15.26 -0.68 -34.22
C THR A 658 -15.07 0.14 -35.50
N VAL A 659 -15.69 -0.38 -36.57
CA VAL A 659 -15.51 0.15 -37.94
C VAL A 659 -16.06 1.58 -38.00
N GLY A 660 -17.23 1.79 -37.41
CA GLY A 660 -17.75 3.20 -37.37
C GLY A 660 -16.85 4.09 -36.55
N THR A 661 -16.22 3.58 -35.47
CA THR A 661 -15.34 4.40 -34.64
C THR A 661 -14.08 4.77 -35.39
N MET A 662 -13.51 3.85 -36.11
CA MET A 662 -12.32 4.04 -36.95
C MET A 662 -12.65 5.15 -37.99
N MET A 663 -13.78 4.99 -38.68
CA MET A 663 -14.16 6.00 -39.72
C MET A 663 -14.42 7.33 -39.10
N THR A 664 -15.05 7.48 -37.95
CA THR A 664 -15.23 8.73 -37.21
C THR A 664 -13.86 9.41 -36.96
N CYS A 665 -12.85 8.64 -36.54
CA CYS A 665 -11.53 9.20 -36.34
C CYS A 665 -10.82 9.49 -37.64
N ALA A 666 -10.90 8.64 -38.64
CA ALA A 666 -10.19 8.83 -39.91
C ALA A 666 -10.83 9.99 -40.72
N TYR A 667 -11.89 10.56 -40.36
CA TYR A 667 -12.44 11.72 -41.07
C TYR A 667 -11.39 12.83 -41.03
N GLU A 668 -10.68 13.02 -39.90
CA GLU A 668 -9.63 14.00 -39.80
C GLU A 668 -8.22 13.43 -39.89
N GLU A 669 -8.01 12.17 -39.49
CA GLU A 669 -6.67 11.61 -39.49
C GLU A 669 -6.41 10.57 -40.56
N PRO A 670 -5.52 10.89 -41.51
CA PRO A 670 -5.09 9.99 -42.56
C PRO A 670 -4.37 8.77 -42.00
N THR A 671 -3.77 8.89 -40.83
CA THR A 671 -3.12 7.74 -40.21
C THR A 671 -4.03 6.79 -39.42
N CYS A 672 -5.29 7.17 -39.26
CA CYS A 672 -6.21 6.31 -38.51
C CYS A 672 -6.57 5.14 -39.40
N GLU A 673 -6.09 3.94 -39.09
CA GLU A 673 -6.42 2.76 -39.84
C GLU A 673 -6.89 1.61 -38.93
N VAL A 674 -7.12 1.94 -37.67
CA VAL A 674 -7.51 0.95 -36.67
C VAL A 674 -8.68 1.53 -35.85
N GLY A 675 -9.65 0.71 -35.48
CA GLY A 675 -10.70 1.11 -34.53
C GLY A 675 -10.65 0.20 -33.28
N LEU A 676 -10.99 0.67 -32.10
CA LEU A 676 -10.94 -0.12 -30.88
C LEU A 676 -12.11 0.25 -29.96
N ILE A 677 -12.84 -0.75 -29.48
CA ILE A 677 -13.88 -0.51 -28.49
C ILE A 677 -13.54 -1.19 -27.18
N VAL A 678 -13.58 -0.48 -26.06
CA VAL A 678 -13.45 -1.02 -24.71
C VAL A 678 -14.63 -0.40 -23.92
N GLY A 679 -15.77 -1.07 -24.04
CA GLY A 679 -16.99 -0.49 -23.36
C GLY A 679 -17.68 -1.70 -22.75
N THR A 680 -18.95 -1.95 -23.05
CA THR A 680 -19.64 -3.14 -22.58
C THR A 680 -18.86 -4.37 -23.03
N GLY A 681 -18.46 -4.41 -24.30
CA GLY A 681 -17.69 -5.47 -24.89
C GLY A 681 -16.35 -4.85 -25.36
N SER A 682 -15.50 -5.67 -25.93
CA SER A 682 -14.21 -5.21 -26.43
C SER A 682 -13.99 -5.87 -27.79
N ASN A 683 -13.54 -5.04 -28.73
CA ASN A 683 -13.29 -5.52 -30.07
C ASN A 683 -12.42 -4.50 -30.79
N ALA A 684 -11.88 -4.88 -31.94
CA ALA A 684 -11.04 -4.00 -32.76
C ALA A 684 -11.25 -4.29 -34.22
N CYS A 685 -10.95 -3.31 -35.08
CA CYS A 685 -10.97 -3.50 -36.52
C CYS A 685 -9.73 -2.79 -37.11
N TYR A 686 -9.35 -3.12 -38.33
CA TYR A 686 -8.21 -2.45 -38.97
C TYR A 686 -8.25 -2.69 -40.47
N MET A 687 -7.56 -1.83 -41.22
CA MET A 687 -7.50 -1.86 -42.67
C MET A 687 -6.47 -2.92 -43.06
N GLU A 688 -6.96 -3.98 -43.67
CA GLU A 688 -6.11 -5.09 -44.11
C GLU A 688 -5.97 -5.03 -45.64
N GLU A 689 -4.92 -5.62 -46.19
CA GLU A 689 -4.73 -5.64 -47.64
C GLU A 689 -5.65 -6.66 -48.26
N MET A 690 -6.23 -6.37 -49.45
CA MET A 690 -7.14 -7.34 -50.04
C MET A 690 -6.48 -8.68 -50.35
N LYS A 691 -5.16 -8.66 -50.59
CA LYS A 691 -4.49 -9.94 -50.91
C LYS A 691 -4.49 -10.87 -49.70
N ASN A 692 -4.54 -10.30 -48.49
CA ASN A 692 -4.56 -11.09 -47.27
C ASN A 692 -5.98 -11.50 -46.90
N VAL A 693 -6.99 -10.79 -47.45
CA VAL A 693 -8.37 -11.17 -47.18
C VAL A 693 -8.80 -12.22 -48.19
N GLU A 694 -8.44 -13.48 -47.95
CA GLU A 694 -8.72 -14.64 -48.74
C GLU A 694 -10.20 -14.97 -48.80
N MET A 695 -11.01 -14.63 -47.79
CA MET A 695 -12.43 -14.94 -47.90
C MET A 695 -13.19 -14.02 -48.83
N VAL A 696 -12.61 -12.98 -49.38
CA VAL A 696 -13.29 -12.06 -50.28
C VAL A 696 -12.43 -11.99 -51.54
N GLU A 697 -13.07 -12.27 -52.67
CA GLU A 697 -12.43 -12.27 -53.97
C GLU A 697 -11.93 -10.88 -54.35
N GLY A 698 -10.74 -10.81 -54.92
CA GLY A 698 -10.09 -9.56 -55.31
C GLY A 698 -8.79 -9.35 -54.53
N ASP A 699 -7.72 -8.87 -55.15
CA ASP A 699 -6.44 -8.66 -54.50
C ASP A 699 -6.02 -7.19 -54.57
N GLN A 700 -6.98 -6.33 -54.89
CA GLN A 700 -6.70 -4.90 -55.04
C GLN A 700 -7.24 -4.07 -53.88
N GLY A 701 -6.42 -3.12 -53.42
CA GLY A 701 -6.82 -2.23 -52.36
C GLY A 701 -6.86 -2.84 -50.97
N GLN A 702 -7.65 -2.22 -50.11
CA GLN A 702 -7.79 -2.67 -48.73
C GLN A 702 -9.25 -3.00 -48.36
N MET A 703 -9.40 -3.58 -47.16
CA MET A 703 -10.73 -3.80 -46.64
C MET A 703 -10.67 -3.72 -45.12
N CYS A 704 -11.58 -2.99 -44.51
CA CYS A 704 -11.60 -2.94 -43.05
C CYS A 704 -12.08 -4.32 -42.58
N ILE A 705 -11.32 -4.87 -41.63
CA ILE A 705 -11.69 -6.18 -41.06
C ILE A 705 -12.21 -5.97 -39.64
N ASN A 706 -13.36 -6.53 -39.33
CA ASN A 706 -13.91 -6.53 -37.98
C ASN A 706 -13.35 -7.84 -37.37
N MET A 707 -12.36 -7.67 -36.44
CA MET A 707 -11.75 -8.89 -35.91
C MET A 707 -12.64 -9.82 -35.13
N GLU A 708 -13.57 -9.26 -34.34
CA GLU A 708 -14.36 -10.00 -33.35
C GLU A 708 -13.31 -10.66 -32.42
N TRP A 709 -12.44 -9.79 -31.92
CA TRP A 709 -11.32 -10.39 -31.08
C TRP A 709 -11.81 -10.84 -29.72
N GLY A 710 -13.08 -10.52 -29.36
CA GLY A 710 -13.61 -10.86 -28.05
C GLY A 710 -13.51 -12.40 -27.86
N ALA A 711 -13.66 -13.17 -28.90
CA ALA A 711 -13.65 -14.63 -28.86
C ALA A 711 -12.27 -15.26 -28.82
N PHE A 712 -11.20 -14.47 -28.92
CA PHE A 712 -9.84 -15.01 -28.74
C PHE A 712 -9.86 -15.81 -27.43
N GLY A 713 -9.21 -16.96 -27.34
CA GLY A 713 -9.33 -17.76 -26.09
C GLY A 713 -10.49 -18.73 -26.11
N ASP A 714 -11.49 -18.66 -26.98
CA ASP A 714 -12.59 -19.59 -26.94
C ASP A 714 -12.20 -21.00 -27.42
N ASN A 715 -11.00 -21.18 -27.95
CA ASN A 715 -10.43 -22.48 -28.30
C ASN A 715 -9.43 -22.95 -27.24
N GLY A 716 -9.33 -22.32 -26.09
CA GLY A 716 -8.42 -22.74 -25.01
C GLY A 716 -7.07 -22.06 -25.13
N CYS A 717 -6.89 -21.11 -26.10
CA CYS A 717 -5.55 -20.50 -26.25
C CYS A 717 -5.14 -19.54 -25.17
N LEU A 718 -5.96 -19.17 -24.20
CA LEU A 718 -5.55 -18.33 -23.08
C LEU A 718 -5.73 -19.09 -21.75
N ASP A 719 -5.89 -20.40 -21.83
CA ASP A 719 -6.19 -21.15 -20.58
C ASP A 719 -5.11 -21.02 -19.52
N ASP A 720 -3.85 -20.88 -19.93
CA ASP A 720 -2.70 -20.72 -19.02
C ASP A 720 -2.69 -19.38 -18.35
N ILE A 721 -3.51 -18.37 -18.73
CA ILE A 721 -3.60 -17.16 -17.97
C ILE A 721 -5.00 -16.91 -17.42
N ARG A 722 -6.01 -17.73 -17.76
CA ARG A 722 -7.33 -17.49 -17.17
C ARG A 722 -7.27 -17.97 -15.72
N THR A 723 -7.81 -17.24 -14.79
CA THR A 723 -7.76 -17.59 -13.38
C THR A 723 -9.06 -18.32 -13.00
N HIS A 724 -9.08 -18.77 -11.74
CA HIS A 724 -10.27 -19.38 -11.16
C HIS A 724 -11.45 -18.43 -11.26
N TYR A 725 -11.24 -17.14 -11.03
CA TYR A 725 -12.18 -16.05 -11.09
C TYR A 725 -12.65 -15.78 -12.52
N ASP A 726 -11.82 -15.95 -13.53
CA ASP A 726 -12.24 -15.76 -14.93
C ASP A 726 -13.16 -16.94 -15.29
N ARG A 727 -12.75 -18.12 -14.87
CA ARG A 727 -13.58 -19.32 -15.10
C ARG A 727 -14.93 -19.14 -14.45
N LEU A 728 -15.05 -18.66 -13.23
CA LEU A 728 -16.30 -18.40 -12.56
C LEU A 728 -17.15 -17.40 -13.32
N VAL A 729 -16.58 -16.26 -13.72
CA VAL A 729 -17.35 -15.25 -14.44
C VAL A 729 -17.88 -15.89 -15.74
N ASP A 730 -17.13 -16.64 -16.47
CA ASP A 730 -17.61 -17.22 -17.72
C ASP A 730 -18.70 -18.27 -17.41
N GLU A 731 -18.47 -19.07 -16.37
CA GLU A 731 -19.44 -20.14 -16.03
C GLU A 731 -20.77 -19.57 -15.66
N TYR A 732 -20.83 -18.40 -15.01
CA TYR A 732 -22.07 -17.76 -14.61
C TYR A 732 -22.62 -16.80 -15.62
N SER A 733 -21.97 -16.67 -16.77
CA SER A 733 -22.41 -15.71 -17.78
C SER A 733 -23.52 -16.25 -18.71
N LEU A 734 -24.06 -15.37 -19.54
CA LEU A 734 -25.10 -15.73 -20.48
C LEU A 734 -24.61 -16.55 -21.64
N ASN A 735 -23.31 -16.57 -21.96
CA ASN A 735 -22.76 -17.25 -23.11
C ASN A 735 -21.53 -17.99 -22.63
N ALA A 736 -21.73 -18.95 -21.69
CA ALA A 736 -20.60 -19.63 -21.11
C ALA A 736 -19.69 -20.28 -22.12
N GLY A 737 -18.38 -20.10 -21.97
CA GLY A 737 -17.46 -20.70 -22.93
C GLY A 737 -17.12 -19.72 -24.10
N LYS A 738 -17.81 -18.63 -24.26
CA LYS A 738 -17.61 -17.73 -25.40
C LYS A 738 -17.12 -16.37 -24.95
N GLN A 739 -16.49 -15.66 -25.88
CA GLN A 739 -15.98 -14.30 -25.68
C GLN A 739 -15.02 -14.25 -24.50
N ARG A 740 -14.15 -15.25 -24.35
CA ARG A 740 -13.28 -15.26 -23.17
C ARG A 740 -12.33 -14.07 -23.02
N TYR A 741 -11.71 -13.64 -24.10
CA TYR A 741 -10.80 -12.47 -23.98
C TYR A 741 -11.50 -11.22 -23.56
N GLU A 742 -12.67 -10.90 -24.15
CA GLU A 742 -13.51 -9.79 -23.83
C GLU A 742 -13.89 -9.86 -22.36
N LYS A 743 -14.13 -11.09 -21.84
CA LYS A 743 -14.51 -11.22 -20.43
C LYS A 743 -13.33 -10.93 -19.47
N MET A 744 -12.11 -10.83 -19.96
CA MET A 744 -11.00 -10.38 -19.11
C MET A 744 -10.70 -8.90 -19.24
N ILE A 745 -11.43 -8.21 -20.12
CA ILE A 745 -11.13 -6.84 -20.47
C ILE A 745 -12.25 -5.85 -20.22
N SER A 746 -13.48 -6.24 -20.63
CA SER A 746 -14.49 -5.21 -20.79
C SER A 746 -15.41 -4.95 -19.62
N GLY A 747 -16.10 -3.82 -19.76
CA GLY A 747 -16.95 -3.19 -18.78
C GLY A 747 -18.10 -4.01 -18.26
N MET A 748 -18.58 -4.94 -19.08
CA MET A 748 -19.67 -5.78 -18.55
C MET A 748 -19.13 -6.76 -17.54
N TYR A 749 -17.81 -7.09 -17.62
CA TYR A 749 -17.26 -8.20 -16.87
C TYR A 749 -16.21 -7.93 -15.81
N LEU A 750 -15.41 -6.86 -15.86
CA LEU A 750 -14.42 -6.61 -14.80
C LEU A 750 -14.98 -6.55 -13.39
N GLY A 751 -16.08 -5.89 -13.15
CA GLY A 751 -16.70 -5.82 -11.82
C GLY A 751 -17.02 -7.18 -11.25
N GLU A 752 -17.45 -8.15 -12.07
CA GLU A 752 -17.74 -9.50 -11.60
C GLU A 752 -16.47 -10.26 -11.22
N ILE A 753 -15.37 -9.98 -11.90
CA ILE A 753 -14.08 -10.63 -11.52
C ILE A 753 -13.75 -10.10 -10.11
N VAL A 754 -13.80 -8.78 -9.95
CA VAL A 754 -13.54 -8.15 -8.65
C VAL A 754 -14.48 -8.71 -7.55
N ARG A 755 -15.79 -8.71 -7.84
CA ARG A 755 -16.74 -9.26 -6.88
C ARG A 755 -16.39 -10.67 -6.44
N ASN A 756 -15.99 -11.53 -7.34
CA ASN A 756 -15.66 -12.91 -7.01
C ASN A 756 -14.38 -12.96 -6.14
N ILE A 757 -13.39 -12.15 -6.46
CA ILE A 757 -12.20 -12.08 -5.60
C ILE A 757 -12.63 -11.59 -4.21
N LEU A 758 -13.44 -10.58 -4.06
CA LEU A 758 -13.81 -10.04 -2.76
C LEU A 758 -14.58 -11.08 -1.96
N ILE A 759 -15.50 -11.81 -2.61
CA ILE A 759 -16.21 -12.88 -1.88
C ILE A 759 -15.21 -13.86 -1.28
N ASP A 760 -14.24 -14.36 -2.03
CA ASP A 760 -13.26 -15.31 -1.57
C ASP A 760 -12.46 -14.76 -0.40
N PHE A 761 -12.03 -13.50 -0.53
CA PHE A 761 -11.29 -12.88 0.56
C PHE A 761 -12.17 -12.72 1.81
N THR A 762 -13.46 -12.40 1.61
CA THR A 762 -14.34 -12.27 2.76
C THR A 762 -14.52 -13.61 3.45
N LYS A 763 -14.63 -14.71 2.73
CA LYS A 763 -14.78 -16.03 3.31
C LYS A 763 -13.52 -16.48 4.08
N LYS A 764 -12.37 -16.02 3.60
CA LYS A 764 -11.10 -16.31 4.24
C LYS A 764 -10.86 -15.38 5.43
N GLY A 765 -11.72 -14.44 5.75
CA GLY A 765 -11.64 -13.52 6.84
C GLY A 765 -10.75 -12.31 6.65
N PHE A 766 -10.36 -12.01 5.41
CA PHE A 766 -9.46 -10.90 5.14
C PHE A 766 -10.15 -9.57 4.95
N LEU A 767 -11.45 -9.57 4.79
CA LEU A 767 -12.26 -8.41 4.51
C LEU A 767 -13.62 -8.51 5.18
N PHE A 768 -14.21 -7.38 5.48
CA PHE A 768 -15.53 -7.21 6.00
C PHE A 768 -15.92 -8.05 7.19
N ARG A 769 -14.98 -8.44 8.04
CA ARG A 769 -15.26 -9.24 9.22
C ARG A 769 -15.72 -10.65 8.91
N GLY A 770 -15.52 -11.14 7.69
CA GLY A 770 -15.96 -12.46 7.28
C GLY A 770 -17.42 -12.52 6.89
N GLN A 771 -18.11 -11.38 6.79
CA GLN A 771 -19.51 -11.27 6.46
C GLN A 771 -19.84 -11.11 4.98
N ILE A 772 -20.22 -12.20 4.31
CA ILE A 772 -20.62 -12.13 2.91
C ILE A 772 -22.06 -11.62 2.84
N SER A 773 -22.25 -10.31 2.77
CA SER A 773 -23.60 -9.74 2.77
C SER A 773 -24.36 -10.12 1.51
N GLU A 774 -25.66 -9.84 1.52
CA GLU A 774 -26.46 -10.14 0.33
C GLU A 774 -26.13 -9.12 -0.76
N THR A 775 -25.66 -7.94 -0.40
CA THR A 775 -25.25 -6.99 -1.44
C THR A 775 -24.03 -7.55 -2.18
N LEU A 776 -23.08 -8.13 -1.46
CA LEU A 776 -21.87 -8.68 -2.07
C LEU A 776 -22.20 -9.87 -2.97
N LYS A 777 -23.28 -10.58 -2.68
CA LYS A 777 -23.68 -11.71 -3.52
C LYS A 777 -24.54 -11.31 -4.71
N THR A 778 -24.77 -10.04 -4.96
CA THR A 778 -25.56 -9.57 -6.07
C THR A 778 -24.71 -9.27 -7.29
N ARG A 779 -24.98 -9.98 -8.39
CA ARG A 779 -24.18 -9.72 -9.60
C ARG A 779 -24.46 -8.35 -10.18
N GLY A 780 -23.43 -7.76 -10.76
CA GLY A 780 -23.40 -6.47 -11.39
C GLY A 780 -23.03 -5.28 -10.56
N ILE A 781 -22.78 -5.47 -9.26
CA ILE A 781 -22.51 -4.32 -8.39
C ILE A 781 -21.24 -3.54 -8.76
N PHE A 782 -20.16 -4.12 -9.26
CA PHE A 782 -18.99 -3.29 -9.56
C PHE A 782 -19.04 -2.81 -11.01
N GLU A 783 -20.05 -2.01 -11.33
CA GLU A 783 -20.23 -1.46 -12.68
C GLU A 783 -19.05 -0.59 -13.07
N THR A 784 -18.85 -0.34 -14.38
CA THR A 784 -17.75 0.52 -14.84
C THR A 784 -17.67 1.79 -14.03
N LYS A 785 -18.76 2.50 -13.78
CA LYS A 785 -18.73 3.71 -12.97
C LYS A 785 -18.02 3.51 -11.64
N PHE A 786 -18.44 2.50 -10.89
CA PHE A 786 -17.92 2.29 -9.53
C PHE A 786 -16.49 1.82 -9.46
N LEU A 787 -16.06 0.94 -10.36
CA LEU A 787 -14.65 0.48 -10.41
C LEU A 787 -13.72 1.68 -10.68
N SER A 788 -14.15 2.54 -11.57
CA SER A 788 -13.40 3.75 -11.95
C SER A 788 -13.34 4.74 -10.78
N GLN A 789 -14.41 4.88 -10.03
CA GLN A 789 -14.46 5.75 -8.87
C GLN A 789 -13.53 5.28 -7.76
N ILE A 790 -13.57 3.99 -7.44
CA ILE A 790 -12.69 3.44 -6.41
C ILE A 790 -11.22 3.63 -6.72
N GLU A 791 -10.77 3.55 -7.96
CA GLU A 791 -9.36 3.75 -8.24
C GLU A 791 -8.91 5.19 -8.45
N SER A 792 -9.83 6.13 -8.39
CA SER A 792 -9.41 7.51 -8.68
C SER A 792 -8.35 8.01 -7.72
N ASP A 793 -7.20 8.39 -8.23
CA ASP A 793 -6.06 8.93 -7.54
C ASP A 793 -6.35 10.05 -6.53
N ARG A 794 -7.21 10.96 -6.95
CA ARG A 794 -7.63 12.10 -6.14
C ARG A 794 -8.96 11.85 -5.47
N LEU A 795 -8.94 10.82 -4.66
CA LEU A 795 -10.00 10.34 -3.81
C LEU A 795 -9.30 9.64 -2.63
N ALA A 796 -9.46 10.31 -1.50
CA ALA A 796 -8.89 9.77 -0.27
C ALA A 796 -9.95 8.83 0.31
N LEU A 797 -9.44 7.94 1.15
CA LEU A 797 -10.12 6.94 1.92
C LEU A 797 -11.61 7.12 2.12
N LEU A 798 -12.00 8.20 2.79
CA LEU A 798 -13.36 8.53 3.10
C LEU A 798 -14.29 8.34 1.91
N GLN A 799 -13.88 8.72 0.71
CA GLN A 799 -14.71 8.55 -0.48
C GLN A 799 -14.79 7.12 -0.95
N VAL A 800 -13.75 6.31 -0.80
CA VAL A 800 -13.84 4.91 -1.22
C VAL A 800 -14.80 4.18 -0.29
N ARG A 801 -14.66 4.41 1.02
CA ARG A 801 -15.53 3.79 2.00
C ARG A 801 -16.96 4.26 1.75
N ALA A 802 -17.09 5.56 1.50
CA ALA A 802 -18.38 6.15 1.16
C ALA A 802 -19.03 5.34 0.03
N ILE A 803 -18.29 5.07 -1.04
CA ILE A 803 -18.81 4.28 -2.15
C ILE A 803 -19.14 2.85 -1.72
N LEU A 804 -18.22 2.14 -1.08
CA LEU A 804 -18.45 0.77 -0.66
C LEU A 804 -19.62 0.63 0.30
N GLN A 805 -19.71 1.54 1.25
CA GLN A 805 -20.80 1.57 2.22
C GLN A 805 -22.11 1.85 1.50
N GLN A 806 -22.08 2.83 0.59
CA GLN A 806 -23.23 3.22 -0.19
C GLN A 806 -23.75 2.12 -1.11
N LEU A 807 -22.91 1.21 -1.57
CA LEU A 807 -23.35 0.09 -2.40
C LEU A 807 -24.12 -0.87 -1.49
N GLY A 808 -23.60 -1.07 -0.28
CA GLY A 808 -24.24 -1.93 0.69
C GLY A 808 -23.23 -2.77 1.46
N LEU A 809 -21.97 -2.34 1.48
CA LEU A 809 -20.94 -3.12 2.17
C LEU A 809 -20.40 -2.42 3.42
N ASN A 810 -20.17 -3.20 4.48
CA ASN A 810 -19.64 -2.72 5.75
C ASN A 810 -18.12 -2.58 5.69
N SER A 811 -17.63 -1.54 5.02
CA SER A 811 -16.21 -1.36 4.82
C SER A 811 -15.52 -0.40 5.77
N THR A 812 -14.30 -0.79 6.12
CA THR A 812 -13.40 -0.02 6.96
C THR A 812 -12.31 0.60 6.08
N CYS A 813 -11.35 1.26 6.72
CA CYS A 813 -10.27 1.85 5.94
C CYS A 813 -9.41 0.74 5.37
N ASP A 814 -9.08 -0.25 6.19
CA ASP A 814 -8.26 -1.35 5.65
C ASP A 814 -9.02 -2.13 4.58
N ASP A 815 -10.31 -2.28 4.79
CA ASP A 815 -11.18 -2.95 3.83
C ASP A 815 -11.12 -2.19 2.49
N SER A 816 -11.29 -0.88 2.53
CA SER A 816 -11.27 -0.06 1.33
C SER A 816 -9.96 -0.13 0.55
N ILE A 817 -8.84 -0.19 1.25
CA ILE A 817 -7.54 -0.29 0.64
C ILE A 817 -7.37 -1.61 -0.10
N LEU A 818 -7.82 -2.70 0.52
CA LEU A 818 -7.76 -4.00 -0.13
C LEU A 818 -8.73 -3.99 -1.33
N VAL A 819 -9.88 -3.37 -1.17
CA VAL A 819 -10.84 -3.29 -2.28
C VAL A 819 -10.17 -2.53 -3.41
N LYS A 820 -9.57 -1.37 -3.16
CA LYS A 820 -8.88 -0.62 -4.20
C LYS A 820 -7.77 -1.41 -4.83
N THR A 821 -6.97 -2.14 -4.05
CA THR A 821 -5.92 -2.95 -4.66
C THR A 821 -6.45 -3.98 -5.67
N VAL A 822 -7.50 -4.69 -5.25
CA VAL A 822 -8.11 -5.75 -6.08
C VAL A 822 -8.59 -5.14 -7.40
N CYS A 823 -9.28 -4.04 -7.34
CA CYS A 823 -9.79 -3.35 -8.53
C CYS A 823 -8.66 -3.03 -9.50
N GLY A 824 -7.57 -2.49 -8.91
CA GLY A 824 -6.39 -2.12 -9.66
C GLY A 824 -5.69 -3.28 -10.35
N VAL A 825 -5.62 -4.44 -9.70
CA VAL A 825 -5.00 -5.61 -10.30
C VAL A 825 -5.82 -6.07 -11.53
N VAL A 826 -7.13 -6.04 -11.35
CA VAL A 826 -8.02 -6.49 -12.46
C VAL A 826 -8.02 -5.49 -13.63
N SER A 827 -8.11 -4.22 -13.34
CA SER A 827 -8.13 -3.23 -14.45
C SER A 827 -6.77 -3.12 -15.11
N ARG A 828 -5.68 -3.22 -14.31
CA ARG A 828 -4.35 -3.25 -14.93
C ARG A 828 -4.14 -4.46 -15.82
N ARG A 829 -4.61 -5.65 -15.43
CA ARG A 829 -4.42 -6.79 -16.32
C ARG A 829 -5.32 -6.62 -17.59
N ALA A 830 -6.50 -6.00 -17.36
CA ALA A 830 -7.38 -5.88 -18.63
C ALA A 830 -6.70 -4.96 -19.63
N ALA A 831 -6.14 -3.84 -19.09
CA ALA A 831 -5.45 -2.91 -19.99
C ALA A 831 -4.19 -3.53 -20.57
N GLN A 832 -3.43 -4.38 -19.88
CA GLN A 832 -2.31 -5.01 -20.56
C GLN A 832 -2.75 -6.01 -21.59
N LEU A 833 -3.83 -6.79 -21.29
CA LEU A 833 -4.26 -7.78 -22.26
C LEU A 833 -4.76 -7.05 -23.52
N CYS A 834 -5.55 -6.00 -23.38
CA CYS A 834 -6.03 -5.24 -24.55
C CYS A 834 -4.81 -4.70 -25.31
N GLY A 835 -3.82 -4.21 -24.56
CA GLY A 835 -2.57 -3.72 -25.17
C GLY A 835 -1.85 -4.78 -25.99
N ALA A 836 -1.81 -6.03 -25.51
CA ALA A 836 -1.12 -7.07 -26.28
C ALA A 836 -1.82 -7.34 -27.59
N GLY A 837 -3.20 -7.32 -27.53
CA GLY A 837 -3.94 -7.61 -28.75
C GLY A 837 -3.72 -6.39 -29.71
N MET A 838 -3.75 -5.18 -29.15
CA MET A 838 -3.49 -4.04 -30.06
C MET A 838 -2.06 -4.06 -30.58
N ALA A 839 -1.06 -4.50 -29.81
CA ALA A 839 0.32 -4.60 -30.31
C ALA A 839 0.42 -5.53 -31.47
N ALA A 840 -0.36 -6.61 -31.51
CA ALA A 840 -0.39 -7.54 -32.60
C ALA A 840 -0.90 -6.91 -33.89
N VAL A 841 -2.03 -6.22 -33.80
CA VAL A 841 -2.63 -5.53 -34.92
C VAL A 841 -1.66 -4.47 -35.48
N VAL A 842 -1.08 -3.60 -34.68
CA VAL A 842 -0.24 -2.57 -35.33
C VAL A 842 1.03 -3.13 -35.94
N ASP A 843 1.67 -4.12 -35.30
CA ASP A 843 2.87 -4.71 -35.91
C ASP A 843 2.49 -5.45 -37.15
N LYS A 844 1.31 -6.07 -37.24
CA LYS A 844 0.93 -6.72 -38.51
C LYS A 844 0.88 -5.64 -39.62
N ILE A 845 0.20 -4.52 -39.34
CA ILE A 845 0.09 -3.47 -40.36
C ILE A 845 1.54 -3.03 -40.72
N ARG A 846 2.38 -2.86 -39.73
CA ARG A 846 3.77 -2.35 -40.04
C ARG A 846 4.55 -3.31 -40.91
N GLU A 847 4.62 -4.54 -40.36
CA GLU A 847 5.36 -5.61 -40.98
C GLU A 847 4.76 -5.84 -42.35
N ASN A 848 3.45 -5.85 -42.48
CA ASN A 848 2.90 -6.05 -43.80
C ASN A 848 3.29 -4.98 -44.80
N ARG A 849 3.43 -3.71 -44.43
CA ARG A 849 3.74 -2.70 -45.44
C ARG A 849 5.24 -2.51 -45.66
N GLY A 850 6.00 -3.41 -45.10
CA GLY A 850 7.45 -3.42 -45.18
C GLY A 850 8.08 -2.18 -44.57
N LEU A 851 7.59 -1.70 -43.44
CA LEU A 851 8.07 -0.48 -42.82
C LEU A 851 8.88 -0.68 -41.56
N ASP A 852 9.90 0.16 -41.41
CA ASP A 852 10.79 0.11 -40.28
C ASP A 852 10.14 0.67 -39.03
N ARG A 853 9.24 1.61 -39.20
CA ARG A 853 8.52 2.26 -38.13
C ARG A 853 7.10 2.52 -38.71
N LEU A 854 6.12 2.47 -37.84
CA LEU A 854 4.76 2.80 -38.32
C LEU A 854 4.20 3.88 -37.43
N ASN A 855 3.62 4.95 -37.95
CA ASN A 855 2.94 6.00 -37.26
C ASN A 855 1.45 5.76 -37.59
N VAL A 856 0.69 5.36 -36.59
CA VAL A 856 -0.71 4.93 -36.87
C VAL A 856 -1.53 5.44 -35.75
N THR A 857 -2.80 5.77 -36.13
CA THR A 857 -3.76 6.30 -35.18
C THR A 857 -4.83 5.22 -34.98
N VAL A 858 -5.29 5.06 -33.74
CA VAL A 858 -6.37 4.14 -33.42
C VAL A 858 -7.54 5.00 -32.95
N GLY A 859 -8.69 4.89 -33.58
CA GLY A 859 -9.85 5.63 -33.07
C GLY A 859 -10.41 4.71 -31.98
N VAL A 860 -10.72 5.28 -30.82
CA VAL A 860 -11.20 4.46 -29.73
C VAL A 860 -12.43 5.00 -29.04
N ASP A 861 -13.24 4.08 -28.49
CA ASP A 861 -14.41 4.55 -27.74
C ASP A 861 -14.79 3.45 -26.75
N GLY A 862 -15.73 3.78 -25.89
CA GLY A 862 -16.20 2.80 -24.90
C GLY A 862 -16.17 3.48 -23.53
N THR A 863 -17.14 3.11 -22.68
CA THR A 863 -17.27 3.75 -21.36
C THR A 863 -16.17 3.45 -20.40
N LEU A 864 -15.73 2.20 -20.33
CA LEU A 864 -14.62 1.88 -19.43
C LEU A 864 -13.37 2.64 -19.88
N TYR A 865 -13.11 2.69 -21.18
CA TYR A 865 -11.92 3.35 -21.69
C TYR A 865 -12.00 4.85 -21.33
N LYS A 866 -13.19 5.40 -21.59
CA LYS A 866 -13.34 6.81 -21.31
C LYS A 866 -13.23 7.16 -19.82
N LEU A 867 -13.92 6.41 -18.97
CA LEU A 867 -13.96 6.77 -17.57
C LEU A 867 -12.86 6.25 -16.66
N HIS A 868 -12.22 5.13 -17.01
CA HIS A 868 -11.28 4.58 -16.03
C HIS A 868 -10.06 5.47 -15.90
N PRO A 869 -9.57 5.65 -14.68
CA PRO A 869 -8.45 6.54 -14.44
C PRO A 869 -7.15 6.01 -14.94
N HIS A 870 -6.93 4.68 -15.04
CA HIS A 870 -5.64 4.15 -15.41
C HIS A 870 -5.66 3.28 -16.66
N PHE A 871 -6.84 2.74 -17.05
CA PHE A 871 -6.86 1.80 -18.16
C PHE A 871 -6.19 2.34 -19.42
N SER A 872 -6.60 3.50 -19.93
CA SER A 872 -6.02 3.98 -21.19
C SER A 872 -4.51 4.20 -21.06
N ARG A 873 -4.04 4.71 -19.96
CA ARG A 873 -2.61 4.97 -19.78
C ARG A 873 -1.76 3.71 -19.74
N ILE A 874 -2.27 2.74 -18.98
CA ILE A 874 -1.61 1.43 -18.92
C ILE A 874 -1.61 0.77 -20.27
N MET A 875 -2.76 0.79 -20.96
CA MET A 875 -2.84 0.20 -22.27
C MET A 875 -1.90 0.86 -23.27
N HIS A 876 -1.84 2.18 -23.39
CA HIS A 876 -0.90 2.82 -24.33
C HIS A 876 0.56 2.47 -23.99
N GLN A 877 0.84 2.42 -22.70
CA GLN A 877 2.23 2.03 -22.30
C GLN A 877 2.58 0.64 -22.78
N THR A 878 1.64 -0.33 -22.57
CA THR A 878 1.82 -1.69 -23.03
C THR A 878 2.04 -1.80 -24.51
N VAL A 879 1.19 -1.10 -25.30
CA VAL A 879 1.41 -1.18 -26.76
C VAL A 879 2.81 -0.64 -27.14
N LYS A 880 3.23 0.44 -26.56
CA LYS A 880 4.57 1.02 -26.81
C LYS A 880 5.69 0.04 -26.47
N GLU A 881 5.57 -0.68 -25.35
CA GLU A 881 6.59 -1.65 -24.95
C GLU A 881 6.53 -2.91 -25.77
N LEU A 882 5.32 -3.40 -26.13
CA LEU A 882 5.28 -4.63 -26.92
C LEU A 882 5.45 -4.49 -28.41
N SER A 883 5.27 -3.27 -28.96
CA SER A 883 5.49 -3.09 -30.40
C SER A 883 6.26 -1.76 -30.56
N PRO A 884 7.52 -1.80 -30.12
CA PRO A 884 8.39 -0.62 -30.09
C PRO A 884 8.65 0.06 -31.40
N LYS A 885 8.47 -0.58 -32.54
CA LYS A 885 8.71 0.05 -33.83
C LYS A 885 7.41 0.71 -34.34
N CYS A 886 6.34 0.62 -33.57
CA CYS A 886 5.10 1.32 -33.93
C CYS A 886 5.01 2.50 -32.99
N ASN A 887 4.55 3.64 -33.50
CA ASN A 887 4.34 4.82 -32.67
C ASN A 887 2.79 4.95 -32.80
N VAL A 888 2.03 4.56 -31.81
CA VAL A 888 0.57 4.56 -31.89
C VAL A 888 0.06 5.74 -31.14
N SER A 889 -0.93 6.39 -31.78
CA SER A 889 -1.67 7.51 -31.21
C SER A 889 -3.10 7.04 -31.01
N PHE A 890 -3.64 7.10 -29.81
CA PHE A 890 -5.01 6.66 -29.55
C PHE A 890 -5.91 7.88 -29.40
N LEU A 891 -6.87 8.05 -30.32
CA LEU A 891 -7.74 9.23 -30.28
C LEU A 891 -9.18 8.85 -29.92
N LEU A 892 -9.63 9.39 -28.82
CA LEU A 892 -10.93 9.08 -28.27
C LEU A 892 -12.03 9.74 -29.08
N SER A 893 -13.00 9.00 -29.57
CA SER A 893 -14.09 9.65 -30.28
C SER A 893 -14.86 10.61 -29.35
N GLU A 894 -15.21 11.79 -29.90
CA GLU A 894 -16.09 12.67 -29.12
C GLU A 894 -17.52 12.35 -29.53
N ASP A 895 -17.72 12.13 -30.84
CA ASP A 895 -19.05 12.00 -31.41
C ASP A 895 -19.74 10.65 -31.40
N GLY A 896 -19.00 9.61 -31.00
CA GLY A 896 -19.61 8.29 -31.02
C GLY A 896 -19.38 7.78 -32.45
N SER A 897 -19.85 6.59 -32.74
CA SER A 897 -19.76 5.87 -33.97
C SER A 897 -20.53 6.52 -35.14
N GLY A 898 -21.45 7.43 -34.85
CA GLY A 898 -22.31 8.15 -35.74
C GLY A 898 -21.70 8.87 -36.91
N LYS A 899 -20.79 9.81 -36.69
CA LYS A 899 -20.13 10.47 -37.80
C LYS A 899 -19.55 9.42 -38.74
N GLY A 900 -18.83 8.39 -38.24
CA GLY A 900 -18.26 7.35 -39.12
C GLY A 900 -19.31 6.47 -39.75
N ALA A 901 -20.45 6.14 -39.13
CA ALA A 901 -21.51 5.36 -39.79
C ALA A 901 -22.13 6.11 -40.98
N ALA A 902 -22.29 7.40 -40.78
CA ALA A 902 -22.79 8.28 -41.87
C ALA A 902 -21.78 8.38 -43.00
N LEU A 903 -20.46 8.46 -42.71
CA LEU A 903 -19.45 8.52 -43.76
C LEU A 903 -19.51 7.27 -44.60
N ILE A 904 -19.68 6.10 -43.92
CA ILE A 904 -19.77 4.81 -44.58
C ILE A 904 -21.02 4.82 -45.46
N THR A 905 -22.11 5.30 -44.88
CA THR A 905 -23.37 5.37 -45.66
C THR A 905 -23.23 6.25 -46.88
N ALA A 906 -22.45 7.33 -46.77
CA ALA A 906 -22.32 8.22 -47.94
C ALA A 906 -21.64 7.49 -49.07
N VAL A 907 -20.50 6.81 -48.72
CA VAL A 907 -19.76 6.14 -49.77
C VAL A 907 -20.59 4.99 -50.32
N GLY A 908 -21.38 4.31 -49.50
CA GLY A 908 -22.25 3.28 -49.97
C GLY A 908 -23.24 3.85 -51.00
N VAL A 909 -23.89 4.96 -50.72
CA VAL A 909 -24.79 5.58 -51.71
C VAL A 909 -23.95 5.85 -52.96
N ARG A 910 -22.87 6.62 -52.80
CA ARG A 910 -21.93 6.89 -53.87
C ARG A 910 -21.58 5.68 -54.70
N LEU A 911 -21.18 4.57 -54.09
CA LEU A 911 -20.82 3.33 -54.76
C LEU A 911 -21.98 2.68 -55.48
N ARG A 912 -23.24 3.10 -55.34
CA ARG A 912 -24.32 2.58 -56.14
C ARG A 912 -24.24 3.18 -57.55
N THR A 913 -23.46 4.25 -57.66
CA THR A 913 -23.35 5.04 -58.85
C THR A 913 -21.94 5.32 -59.33
C1 GLC B . 18.76 4.53 23.78
C2 GLC B . 18.24 4.11 22.42
C3 GLC B . 16.72 3.86 22.51
C4 GLC B . 16.42 2.89 23.64
C5 GLC B . 17.02 3.38 24.95
C6 GLC B . 16.85 2.40 26.11
O1 GLC B . 18.32 5.74 24.21
O2 GLC B . 18.45 5.18 21.46
O3 GLC B . 16.26 3.28 21.27
O4 GLC B . 15.03 2.66 23.84
O5 GLC B . 18.46 3.54 24.81
O6 GLC B . 17.43 1.10 25.84
C1 G6P C . 15.25 -5.41 29.91
C2 G6P C . 14.39 -5.50 28.65
C3 G6P C . 15.26 -4.97 27.49
C4 G6P C . 15.67 -3.55 27.84
C5 G6P C . 16.39 -3.49 29.19
C6 G6P C . 16.69 -2.08 29.61
O1 G6P C . 14.32 -5.86 31.01
O2 G6P C . 14.06 -6.86 28.37
O3 G6P C . 14.55 -5.00 26.26
O4 G6P C . 16.57 -3.00 26.89
O5 G6P C . 15.49 -4.03 30.20
O6 G6P C . 17.43 -2.00 30.81
P G6P C . 19.02 -2.26 30.86
O1P G6P C . 19.58 -1.85 32.16
O2P G6P C . 19.74 -1.38 29.87
O3P G6P C . 19.32 -3.64 30.52
C1 GLC D . -18.71 -7.52 -28.66
C2 GLC D . -19.38 -7.70 -30.06
C3 GLC D . -18.58 -6.88 -31.07
C4 GLC D . -18.56 -5.43 -30.66
C5 GLC D . -18.04 -5.30 -29.21
C6 GLC D . -18.07 -3.88 -28.69
O1 GLC D . -17.41 -7.96 -28.53
O2 GLC D . -19.31 -9.07 -30.38
O3 GLC D . -19.19 -7.02 -32.35
O4 GLC D . -17.63 -4.67 -31.42
O5 GLC D . -18.83 -6.14 -28.33
O6 GLC D . -19.37 -3.24 -28.66
C1 G6P E . -20.37 4.58 -28.23
C2 G6P E . -20.42 4.31 -29.72
C3 G6P E . -21.09 2.98 -29.92
C4 G6P E . -20.21 1.89 -29.22
C5 G6P E . -20.15 2.25 -27.74
C6 G6P E . -19.35 1.24 -26.94
O1 G6P E . -19.56 5.86 -27.94
O2 G6P E . -21.07 5.42 -30.37
O3 G6P E . -21.23 2.59 -31.26
O4 G6P E . -20.85 0.62 -29.31
O5 G6P E . -19.58 3.56 -27.58
O6 G6P E . -19.23 1.57 -25.57
P G6P E . -20.35 1.18 -24.47
O1P G6P E . -19.77 1.57 -23.15
O2P G6P E . -20.62 -0.25 -24.59
O3P G6P E . -21.56 1.98 -24.58
PB ADP F . 14.70 10.96 51.58
O1B ADP F . 15.38 10.17 50.51
O2B ADP F . 13.71 10.03 52.22
O3B ADP F . 15.69 11.40 52.57
PA ADP F . 14.01 12.71 49.48
O1A ADP F . 13.69 11.70 48.42
O2A ADP F . 13.17 13.86 49.27
O3A ADP F . 13.88 12.16 50.98
O5' ADP F . 15.60 12.89 49.43
C5' ADP F . 16.16 14.13 49.96
C4' ADP F . 17.60 14.31 49.46
O4' ADP F . 17.55 14.79 48.09
C3' ADP F . 18.45 15.33 50.23
O3' ADP F . 19.82 14.85 50.18
C2' ADP F . 18.20 16.62 49.41
O2' ADP F . 19.38 17.44 49.54
C1' ADP F . 18.21 16.02 47.96
N9 ADP F . 17.43 16.77 47.00
C8 ADP F . 16.23 17.34 47.13
N7 ADP F . 15.76 17.92 46.07
C5 ADP F . 16.74 17.77 45.20
C6 ADP F . 16.80 18.18 43.88
N6 ADP F . 15.84 18.87 43.27
N1 ADP F . 17.92 17.88 43.18
C2 ADP F . 18.93 17.18 43.78
N3 ADP F . 18.92 16.74 45.03
C4 ADP F . 17.80 17.08 45.69
#